data_5F7B
#
_entry.id   5F7B
#
_cell.length_a   62.836
_cell.length_b   103.511
_cell.length_c   147.246
_cell.angle_alpha   90.00
_cell.angle_beta   90.00
_cell.angle_gamma   90.00
#
_symmetry.space_group_name_H-M   'P 21 21 21'
#
loop_
_entity.id
_entity.type
_entity.pdbx_description
1 polymer 'Copper-containing nitrite reductase'
2 non-polymer 'COPPER (II) ION'
3 water water
#
_entity_poly.entity_id   1
_entity_poly.type   'polypeptide(L)'
_entity_poly.pdbx_seq_one_letter_code
;MATAAEIAALPRQKVELVDPPFVHAHSQVAEGGPKVVEFTMVIEEKKIVIDDAGTEVHAMAFNGTVPGPLMVVHQDDYLE
LTLINPETNTLMHNIDFHAATGALGGGGLTEINPGEKTILRFKATKPGVFVYHCAPPGMVPWHVVSGMNGAIMVLPREGL
HDGKGKALTYDKIYYVGEQDFYVPRDENGKYKKYEAPGDAYEDTVKVMRTLTPTHVVFNGAVGALTGDKAMTAAVGEKVL
IVHSQANRDTRPHLIGGHGDYVWATGKFNTPPDVDQETWFIPGGAAGAAFYTFQQPGIYAYVNHNLIEAFELGAAAHFKV
TGEWNDDLMTSVLAPSGTLVPR
;
_entity_poly.pdbx_strand_id   A,B,C
#
loop_
_chem_comp.id
_chem_comp.type
_chem_comp.name
_chem_comp.formula
CU non-polymer 'COPPER (II) ION' 'Cu 2'
#
# COMPACT_ATOMS: atom_id res chain seq x y z
N ALA A 2 -12.26 31.20 17.24
CA ALA A 2 -13.57 31.86 17.47
C ALA A 2 -14.14 31.52 18.86
N THR A 3 -14.87 32.46 19.45
CA THR A 3 -15.55 32.30 20.73
C THR A 3 -16.95 31.73 20.41
N ALA A 4 -17.67 31.22 21.42
CA ALA A 4 -19.01 30.67 21.19
C ALA A 4 -19.99 31.76 20.60
N ALA A 5 -19.75 33.02 20.99
CA ALA A 5 -20.56 34.11 20.48
C ALA A 5 -20.28 34.30 18.98
N GLU A 6 -18.99 34.22 18.61
CA GLU A 6 -18.59 34.46 17.21
C GLU A 6 -19.27 33.41 16.31
N ILE A 7 -19.24 32.16 16.79
CA ILE A 7 -19.88 31.04 16.06
C ILE A 7 -21.39 31.24 15.95
N ALA A 8 -22.04 31.73 17.00
CA ALA A 8 -23.53 31.89 17.00
C ALA A 8 -24.00 32.95 15.97
N ALA A 9 -23.10 33.86 15.57
CA ALA A 9 -23.42 34.89 14.61
C ALA A 9 -23.18 34.47 13.16
N LEU A 10 -22.60 33.27 12.95
CA LEU A 10 -22.32 32.86 11.58
C LEU A 10 -23.61 32.41 10.89
N PRO A 11 -23.67 32.61 9.62
CA PRO A 11 -24.78 32.12 8.84
C PRO A 11 -24.86 30.62 8.91
N ARG A 12 -26.09 30.10 8.97
CA ARG A 12 -26.49 28.65 8.91
C ARG A 12 -26.97 28.26 7.53
N GLN A 13 -26.60 27.07 7.05
CA GLN A 13 -27.03 26.57 5.76
C GLN A 13 -27.46 25.11 5.92
N LYS A 14 -28.68 24.77 5.52
CA LYS A 14 -29.24 23.45 5.79
C LYS A 14 -29.02 22.73 4.46
N VAL A 15 -28.45 21.52 4.50
CA VAL A 15 -28.16 20.81 3.25
C VAL A 15 -29.00 19.59 3.19
N GLU A 16 -29.60 19.32 2.00
CA GLU A 16 -30.32 18.09 1.74
C GLU A 16 -29.35 17.00 1.15
N LEU A 17 -29.20 15.86 1.83
CA LEU A 17 -28.22 14.84 1.30
C LEU A 17 -28.89 14.04 0.19
N VAL A 18 -28.08 13.48 -0.71
CA VAL A 18 -28.59 12.64 -1.81
C VAL A 18 -27.78 11.34 -1.75
N ASP A 19 -28.33 10.32 -2.32
CA ASP A 19 -27.76 8.96 -2.21
C ASP A 19 -26.56 8.83 -3.13
N PRO A 20 -25.47 8.19 -2.64
CA PRO A 20 -24.39 7.83 -3.58
C PRO A 20 -24.89 7.07 -4.83
N PRO A 21 -24.16 7.23 -5.92
CA PRO A 21 -22.85 7.89 -6.05
C PRO A 21 -22.91 9.39 -6.30
N PHE A 22 -24.16 9.97 -6.29
CA PHE A 22 -24.28 11.43 -6.55
C PHE A 22 -23.96 12.17 -5.25
N VAL A 23 -23.77 13.47 -5.35
CA VAL A 23 -23.33 14.32 -4.25
C VAL A 23 -24.27 15.50 -4.21
N HIS A 24 -24.67 15.92 -3.03
CA HIS A 24 -25.54 17.09 -2.88
C HIS A 24 -24.97 18.35 -3.55
N ALA A 25 -25.87 19.31 -3.81
CA ALA A 25 -25.38 20.47 -4.49
C ALA A 25 -24.42 21.32 -3.64
N HIS A 26 -23.41 21.87 -4.26
CA HIS A 26 -22.44 22.60 -3.50
C HIS A 26 -21.71 23.51 -4.43
N SER A 27 -20.98 24.48 -3.91
CA SER A 27 -20.20 25.30 -4.73
C SER A 27 -18.70 24.94 -4.58
N GLN A 28 -17.93 24.89 -5.66
CA GLN A 28 -16.46 24.57 -5.52
C GLN A 28 -15.67 25.64 -4.77
N VAL A 29 -15.77 26.89 -5.24
CA VAL A 29 -15.23 28.03 -4.52
C VAL A 29 -16.31 28.43 -3.50
N ALA A 30 -15.91 28.67 -2.25
CA ALA A 30 -16.84 29.00 -1.15
C ALA A 30 -17.51 30.34 -1.53
N GLU A 31 -18.83 30.39 -1.34
CA GLU A 31 -19.64 31.61 -1.58
C GLU A 31 -19.71 32.24 -0.23
N GLY A 32 -18.78 33.17 -0.01
CA GLY A 32 -18.74 33.87 1.25
C GLY A 32 -17.81 33.31 2.28
N GLY A 33 -17.93 33.82 3.51
CA GLY A 33 -17.11 33.46 4.67
C GLY A 33 -17.63 32.19 5.35
N PRO A 34 -17.02 31.81 6.49
CA PRO A 34 -17.41 30.54 7.19
C PRO A 34 -18.87 30.48 7.58
N LYS A 35 -19.42 29.27 7.53
CA LYS A 35 -20.82 28.95 7.86
C LYS A 35 -20.88 27.82 8.80
N VAL A 36 -22.01 27.69 9.45
CA VAL A 36 -22.35 26.43 10.10
C VAL A 36 -23.18 25.68 9.11
N VAL A 37 -22.70 24.50 8.67
CA VAL A 37 -23.43 23.78 7.63
C VAL A 37 -24.12 22.62 8.30
N GLU A 38 -25.44 22.51 8.12
CA GLU A 38 -26.20 21.59 8.94
C GLU A 38 -26.63 20.39 8.13
N PHE A 39 -26.41 19.19 8.67
CA PHE A 39 -26.90 17.93 8.05
C PHE A 39 -27.66 17.09 9.03
N THR A 40 -28.58 16.28 8.54
CA THR A 40 -29.25 15.34 9.38
C THR A 40 -29.18 13.96 8.75
N MET A 41 -28.83 12.96 9.56
CA MET A 41 -28.87 11.54 9.08
C MET A 41 -29.63 10.69 10.01
N VAL A 42 -30.42 9.78 9.45
CA VAL A 42 -31.09 8.76 10.21
C VAL A 42 -30.39 7.44 9.96
N ILE A 43 -30.16 6.68 11.00
CA ILE A 43 -29.51 5.34 10.89
C ILE A 43 -30.56 4.33 10.59
N GLU A 44 -30.37 3.44 9.59
CA GLU A 44 -31.27 2.32 9.45
C GLU A 44 -30.57 1.00 9.50
N GLU A 45 -30.97 0.09 10.36
CA GLU A 45 -30.53 -1.32 10.30
C GLU A 45 -31.48 -2.01 9.33
N LYS A 46 -30.95 -2.65 8.29
CA LYS A 46 -31.87 -3.31 7.29
C LYS A 46 -31.10 -4.43 6.62
N LYS A 47 -31.81 -5.44 6.13
CA LYS A 47 -31.15 -6.44 5.33
C LYS A 47 -30.95 -5.94 3.92
N ILE A 48 -29.76 -6.20 3.39
CA ILE A 48 -29.45 -5.88 2.03
C ILE A 48 -29.08 -7.18 1.31
N VAL A 49 -29.39 -7.22 0.00
CA VAL A 49 -28.96 -8.37 -0.80
C VAL A 49 -27.78 -7.89 -1.70
N ILE A 50 -26.69 -8.64 -1.69
CA ILE A 50 -25.42 -8.04 -2.20
C ILE A 50 -24.94 -8.71 -3.47
N ASP A 51 -25.58 -9.81 -3.89
CA ASP A 51 -25.16 -10.46 -5.13
C ASP A 51 -26.35 -11.15 -5.78
N ASP A 52 -26.10 -11.76 -6.92
CA ASP A 52 -27.22 -12.34 -7.65
C ASP A 52 -27.59 -13.69 -7.17
N ALA A 53 -26.94 -14.22 -6.12
CA ALA A 53 -27.33 -15.48 -5.53
C ALA A 53 -28.27 -15.25 -4.31
N GLY A 54 -28.66 -14.00 -4.09
CA GLY A 54 -29.55 -13.67 -2.99
C GLY A 54 -28.87 -13.60 -1.62
N THR A 55 -27.52 -13.48 -1.65
CA THR A 55 -26.80 -13.36 -0.35
C THR A 55 -27.18 -12.10 0.40
N GLU A 56 -27.46 -12.28 1.70
CA GLU A 56 -27.93 -11.17 2.57
C GLU A 56 -26.84 -10.71 3.56
N VAL A 57 -26.83 -9.40 3.84
CA VAL A 57 -26.01 -8.87 4.94
C VAL A 57 -26.99 -8.06 5.79
N HIS A 58 -26.81 -8.07 7.12
CA HIS A 58 -27.50 -7.09 7.94
C HIS A 58 -26.76 -5.78 7.93
N ALA A 59 -27.15 -4.87 7.11
CA ALA A 59 -26.45 -3.59 6.96
C ALA A 59 -26.81 -2.65 8.08
N MET A 60 -25.87 -1.81 8.45
CA MET A 60 -26.12 -0.75 9.41
C MET A 60 -25.79 0.51 8.68
N ALA A 61 -26.79 1.22 8.23
CA ALA A 61 -26.62 2.20 7.18
C ALA A 61 -26.91 3.64 7.58
N PHE A 62 -25.94 4.52 7.44
CA PHE A 62 -26.18 5.97 7.60
C PHE A 62 -27.10 6.42 6.47
N ASN A 63 -28.27 6.94 6.85
CA ASN A 63 -29.17 7.43 5.80
C ASN A 63 -29.74 6.35 4.90
N GLY A 64 -29.63 5.07 5.31
CA GLY A 64 -30.23 3.99 4.59
C GLY A 64 -29.42 3.47 3.41
N THR A 65 -28.20 4.03 3.19
CA THR A 65 -27.37 3.61 2.02
C THR A 65 -26.02 3.10 2.52
N VAL A 66 -25.46 2.20 1.69
CA VAL A 66 -24.06 1.74 1.90
C VAL A 66 -23.31 2.15 0.60
N PRO A 67 -22.37 3.06 0.64
CA PRO A 67 -21.89 3.80 1.86
C PRO A 67 -22.92 4.84 2.23
N GLY A 68 -22.70 5.43 3.37
CA GLY A 68 -23.44 6.63 3.79
C GLY A 68 -23.13 7.77 2.78
N PRO A 69 -23.97 8.80 2.76
CA PRO A 69 -23.74 9.85 1.78
C PRO A 69 -22.54 10.75 1.99
N LEU A 70 -22.07 11.39 0.93
CA LEU A 70 -20.97 12.30 0.96
C LEU A 70 -21.50 13.66 1.44
N MET A 71 -20.83 14.22 2.41
CA MET A 71 -21.14 15.58 2.93
C MET A 71 -20.05 16.52 2.43
N VAL A 72 -20.35 17.71 1.91
CA VAL A 72 -19.39 18.62 1.43
C VAL A 72 -19.46 19.98 2.23
N VAL A 73 -18.30 20.43 2.76
CA VAL A 73 -18.15 21.74 3.40
C VAL A 73 -16.85 22.31 2.84
N HIS A 74 -16.51 23.56 3.20
CA HIS A 74 -15.25 24.14 2.91
C HIS A 74 -14.44 24.30 4.20
N GLN A 75 -13.11 24.35 4.03
CA GLN A 75 -12.18 24.58 5.15
C GLN A 75 -12.64 25.72 6.02
N ASP A 76 -12.70 25.44 7.32
CA ASP A 76 -12.99 26.42 8.36
C ASP A 76 -14.48 26.72 8.49
N ASP A 77 -15.33 26.03 7.69
CA ASP A 77 -16.69 25.91 8.11
C ASP A 77 -16.83 25.04 9.33
N TYR A 78 -18.01 25.08 9.93
CA TYR A 78 -18.38 24.16 11.01
C TYR A 78 -19.39 23.19 10.44
N LEU A 79 -19.17 21.88 10.65
CA LEU A 79 -20.16 20.90 10.24
C LEU A 79 -21.02 20.54 11.45
N GLU A 80 -22.35 20.73 11.33
CA GLU A 80 -23.19 20.39 12.43
C GLU A 80 -24.09 19.27 12.06
N LEU A 81 -23.94 18.13 12.74
CA LEU A 81 -24.71 16.97 12.41
C LEU A 81 -25.73 16.58 13.43
N THR A 82 -26.99 16.48 12.95
CA THR A 82 -27.97 15.82 13.71
C THR A 82 -28.06 14.35 13.37
N LEU A 83 -27.77 13.49 14.36
CA LEU A 83 -27.75 12.04 14.10
C LEU A 83 -28.84 11.40 14.90
N ILE A 84 -29.72 10.62 14.22
CA ILE A 84 -30.90 10.02 14.87
C ILE A 84 -30.86 8.51 14.77
N ASN A 85 -31.06 7.82 15.89
CA ASN A 85 -31.14 6.37 15.95
C ASN A 85 -32.58 6.02 16.25
N PRO A 86 -33.37 5.74 15.22
CA PRO A 86 -34.80 5.51 15.56
C PRO A 86 -35.09 4.31 16.41
N GLU A 87 -36.30 4.32 17.03
CA GLU A 87 -36.71 3.24 17.93
C GLU A 87 -36.87 1.88 17.24
N THR A 88 -36.92 1.88 15.92
CA THR A 88 -37.03 0.67 15.13
C THR A 88 -35.69 -0.11 15.07
N ASN A 89 -34.59 0.56 15.38
CA ASN A 89 -33.27 -0.13 15.44
C ASN A 89 -33.06 -0.94 16.69
N THR A 90 -32.00 -1.75 16.69
CA THR A 90 -31.74 -2.61 17.82
C THR A 90 -30.42 -2.31 18.55
N LEU A 91 -29.49 -1.63 17.87
CA LEU A 91 -28.18 -1.45 18.45
C LEU A 91 -27.87 0.00 18.75
N MET A 92 -26.94 0.20 19.70
N MET A 92 -26.91 0.20 19.67
CA MET A 92 -26.34 1.54 19.84
CA MET A 92 -26.29 1.50 19.86
C MET A 92 -25.41 1.85 18.63
C MET A 92 -25.37 1.84 18.67
N HIS A 93 -25.32 3.12 18.28
CA HIS A 93 -24.46 3.57 17.19
C HIS A 93 -23.83 4.87 17.57
N ASN A 94 -22.80 5.27 16.89
CA ASN A 94 -22.19 6.57 17.04
C ASN A 94 -21.51 7.00 15.70
N ILE A 95 -20.75 8.09 15.71
CA ILE A 95 -20.01 8.48 14.52
C ILE A 95 -18.66 9.02 14.84
N ASP A 96 -17.65 8.55 14.08
CA ASP A 96 -16.33 9.11 14.14
C ASP A 96 -16.02 9.72 12.83
N PHE A 97 -15.78 11.04 12.80
CA PHE A 97 -15.33 11.72 11.62
C PHE A 97 -13.79 11.80 11.66
N HIS A 98 -13.13 11.23 10.67
CA HIS A 98 -11.71 11.35 10.59
C HIS A 98 -11.29 12.82 10.29
N ALA A 99 -12.25 13.63 9.85
CA ALA A 99 -11.96 15.09 9.55
C ALA A 99 -11.92 15.91 10.85
N ALA A 100 -12.43 15.37 11.96
CA ALA A 100 -12.65 16.17 13.20
C ALA A 100 -11.49 15.93 14.19
N THR A 101 -11.32 16.86 15.13
CA THR A 101 -10.26 16.77 16.14
C THR A 101 -10.91 16.65 17.50
N GLY A 102 -10.62 15.59 18.23
CA GLY A 102 -11.03 15.39 19.61
C GLY A 102 -12.05 14.28 19.75
N ALA A 103 -12.19 13.80 20.99
CA ALA A 103 -13.18 12.84 21.40
C ALA A 103 -13.35 11.67 20.41
N LEU A 104 -12.19 11.10 20.00
CA LEU A 104 -12.25 9.92 19.11
C LEU A 104 -13.04 10.24 17.79
N GLY A 105 -12.83 11.46 17.32
CA GLY A 105 -13.41 12.01 16.06
C GLY A 105 -14.90 12.29 16.24
N GLY A 106 -15.30 12.46 17.49
CA GLY A 106 -16.75 12.63 17.81
C GLY A 106 -17.43 11.34 18.30
N GLY A 107 -16.76 10.18 18.22
CA GLY A 107 -17.34 8.94 18.65
C GLY A 107 -17.71 8.97 20.16
N GLY A 108 -16.86 9.65 20.97
CA GLY A 108 -17.14 9.59 22.40
C GLY A 108 -18.28 10.52 22.78
N LEU A 109 -18.75 11.38 21.87
CA LEU A 109 -19.83 12.35 22.21
C LEU A 109 -21.16 11.99 21.56
N THR A 110 -21.18 10.93 20.76
CA THR A 110 -22.37 10.61 19.92
C THR A 110 -22.93 9.25 20.11
N GLU A 111 -22.73 8.62 21.27
CA GLU A 111 -23.25 7.27 21.44
C GLU A 111 -24.78 7.37 21.71
N ILE A 112 -25.57 6.79 20.81
CA ILE A 112 -27.08 6.94 20.88
C ILE A 112 -27.73 5.59 20.78
N ASN A 113 -28.59 5.30 21.76
CA ASN A 113 -29.38 4.06 21.71
C ASN A 113 -30.62 4.24 20.82
N PRO A 114 -31.30 3.12 20.47
CA PRO A 114 -32.49 3.35 19.67
C PRO A 114 -33.49 4.24 20.46
N GLY A 115 -34.07 5.19 19.75
CA GLY A 115 -34.96 6.22 20.34
C GLY A 115 -34.24 7.48 20.75
N GLU A 116 -32.92 7.58 20.49
CA GLU A 116 -32.18 8.79 20.83
C GLU A 116 -31.65 9.57 19.67
N LYS A 117 -31.30 10.82 19.90
CA LYS A 117 -30.66 11.65 18.89
C LYS A 117 -29.54 12.46 19.54
N THR A 118 -28.66 13.05 18.70
CA THR A 118 -27.58 13.88 19.21
C THR A 118 -27.22 14.87 18.17
N ILE A 119 -26.61 15.99 18.56
CA ILE A 119 -26.20 16.94 17.62
C ILE A 119 -24.73 17.21 17.99
N LEU A 120 -23.84 17.02 17.00
CA LEU A 120 -22.42 17.30 17.13
C LEU A 120 -21.97 18.40 16.17
N ARG A 121 -21.11 19.31 16.64
N ARG A 121 -21.11 19.29 16.64
CA ARG A 121 -20.57 20.29 15.74
CA ARG A 121 -20.56 20.29 15.73
C ARG A 121 -19.05 20.24 15.81
C ARG A 121 -19.05 20.23 15.82
N PHE A 122 -18.36 20.36 14.69
CA PHE A 122 -16.90 20.44 14.70
C PHE A 122 -16.42 21.34 13.62
N LYS A 123 -15.23 21.90 13.78
CA LYS A 123 -14.69 22.79 12.85
C LYS A 123 -13.86 21.95 11.84
N ALA A 124 -14.11 22.16 10.56
CA ALA A 124 -13.41 21.40 9.50
C ALA A 124 -12.12 22.12 9.20
N THR A 125 -11.08 21.87 10.01
CA THR A 125 -9.88 22.63 9.88
C THR A 125 -8.87 22.20 8.80
N LYS A 126 -9.01 20.99 8.24
CA LYS A 126 -8.07 20.46 7.28
C LYS A 126 -8.83 20.10 5.99
N PRO A 127 -8.33 20.55 4.84
CA PRO A 127 -9.02 20.26 3.59
C PRO A 127 -8.69 18.87 3.04
N GLY A 128 -9.64 18.23 2.43
CA GLY A 128 -9.35 16.84 1.93
C GLY A 128 -10.63 16.06 1.93
N VAL A 129 -10.56 14.82 1.43
CA VAL A 129 -11.66 13.89 1.63
C VAL A 129 -11.30 12.98 2.79
N PHE A 130 -12.27 12.63 3.60
CA PHE A 130 -11.99 11.94 4.88
C PHE A 130 -13.07 10.89 5.09
N VAL A 131 -12.71 9.75 5.67
CA VAL A 131 -13.68 8.74 6.04
C VAL A 131 -14.48 9.18 7.29
N TYR A 132 -15.74 8.81 7.31
CA TYR A 132 -16.45 8.73 8.62
C TYR A 132 -17.00 7.37 8.86
N HIS A 133 -17.12 6.92 10.08
CA HIS A 133 -17.68 5.60 10.31
C HIS A 133 -18.21 5.46 11.73
N CYS A 134 -19.08 4.49 11.95
CA CYS A 134 -19.48 4.14 13.32
C CYS A 134 -18.31 3.46 14.05
N ALA A 135 -18.26 3.57 15.38
CA ALA A 135 -17.21 2.94 16.16
C ALA A 135 -17.66 2.78 17.61
N PRO A 136 -18.59 1.88 17.83
CA PRO A 136 -19.11 1.76 19.24
C PRO A 136 -18.10 0.91 20.00
N PRO A 137 -17.74 1.29 21.22
CA PRO A 137 -16.76 0.53 21.97
C PRO A 137 -16.99 -0.93 22.05
N GLY A 138 -15.97 -1.73 21.78
CA GLY A 138 -16.15 -3.18 21.85
C GLY A 138 -16.76 -3.82 20.60
N MET A 139 -17.29 -3.00 19.68
N MET A 139 -17.25 -2.98 19.68
CA MET A 139 -17.88 -3.58 18.46
CA MET A 139 -17.93 -3.48 18.50
C MET A 139 -17.49 -2.78 17.22
C MET A 139 -17.51 -2.73 17.25
N VAL A 140 -16.29 -2.17 17.25
CA VAL A 140 -15.90 -1.25 16.17
C VAL A 140 -15.91 -1.96 14.80
N PRO A 141 -15.11 -3.00 14.59
CA PRO A 141 -15.02 -3.45 13.21
C PRO A 141 -16.33 -4.05 12.70
N TRP A 142 -17.14 -4.59 13.61
CA TRP A 142 -18.41 -5.23 13.13
C TRP A 142 -19.32 -4.13 12.54
N HIS A 143 -19.44 -2.94 13.17
CA HIS A 143 -20.29 -1.94 12.52
C HIS A 143 -19.72 -1.47 11.21
N VAL A 144 -18.35 -1.31 11.15
CA VAL A 144 -17.81 -0.79 9.95
C VAL A 144 -17.96 -1.79 8.80
N VAL A 145 -17.75 -3.09 9.01
CA VAL A 145 -17.85 -4.03 7.85
C VAL A 145 -19.30 -4.48 7.65
N SER A 146 -20.20 -3.93 8.48
CA SER A 146 -21.64 -4.10 8.12
C SER A 146 -22.10 -2.85 7.31
N GLY A 147 -21.18 -2.03 6.77
CA GLY A 147 -21.54 -0.93 5.91
C GLY A 147 -21.73 0.45 6.56
N MET A 148 -21.34 0.59 7.83
CA MET A 148 -21.67 1.86 8.52
C MET A 148 -20.47 2.78 8.40
N ASN A 149 -20.31 3.31 7.22
CA ASN A 149 -19.22 4.24 6.94
C ASN A 149 -19.52 5.03 5.66
N GLY A 150 -18.83 6.16 5.49
CA GLY A 150 -19.02 7.03 4.29
C GLY A 150 -17.86 7.98 4.26
N ALA A 151 -17.99 9.15 3.67
CA ALA A 151 -16.86 10.09 3.58
C ALA A 151 -17.41 11.52 3.59
N ILE A 152 -16.57 12.47 3.93
CA ILE A 152 -16.92 13.88 3.73
C ILE A 152 -15.83 14.52 2.91
N MET A 153 -16.12 15.63 2.22
CA MET A 153 -15.09 16.34 1.50
C MET A 153 -15.08 17.71 2.08
N VAL A 154 -13.91 18.18 2.46
CA VAL A 154 -13.63 19.52 2.97
C VAL A 154 -12.86 20.23 1.87
N LEU A 155 -13.56 21.03 1.03
CA LEU A 155 -12.88 21.73 -0.04
C LEU A 155 -12.10 22.93 0.47
N PRO A 156 -10.96 23.22 -0.17
CA PRO A 156 -10.29 24.53 0.16
C PRO A 156 -11.31 25.64 -0.20
N ARG A 157 -11.26 26.76 0.53
CA ARG A 157 -12.23 27.85 0.22
C ARG A 157 -12.14 28.35 -1.20
N GLU A 158 -10.94 28.36 -1.72
CA GLU A 158 -10.62 28.74 -3.13
C GLU A 158 -10.83 27.64 -4.20
N GLY A 159 -11.46 26.52 -3.84
CA GLY A 159 -11.64 25.36 -4.74
C GLY A 159 -10.36 24.54 -4.90
N LEU A 160 -10.47 23.48 -5.72
CA LEU A 160 -9.24 22.66 -6.04
C LEU A 160 -8.17 23.35 -6.91
N HIS A 161 -6.89 23.06 -6.63
CA HIS A 161 -5.75 23.53 -7.40
C HIS A 161 -4.77 22.39 -7.61
N ASP A 162 -3.95 22.47 -8.66
CA ASP A 162 -2.95 21.45 -8.94
C ASP A 162 -1.72 21.74 -8.09
N GLY A 163 -0.61 21.01 -8.26
CA GLY A 163 0.59 21.31 -7.43
C GLY A 163 1.16 22.71 -7.58
N LYS A 164 0.98 23.31 -8.75
CA LYS A 164 1.56 24.59 -9.09
C LYS A 164 0.53 25.74 -8.96
N GLY A 165 -0.49 25.60 -8.12
CA GLY A 165 -1.50 26.67 -7.96
C GLY A 165 -2.54 26.96 -9.08
N LYS A 166 -2.48 26.25 -10.19
CA LYS A 166 -3.53 26.32 -11.25
C LYS A 166 -4.89 25.72 -10.82
N ALA A 167 -6.00 26.38 -11.16
CA ALA A 167 -7.33 25.93 -10.72
C ALA A 167 -7.79 24.68 -11.46
N LEU A 168 -8.42 23.80 -10.68
CA LEU A 168 -8.96 22.59 -11.23
C LEU A 168 -10.43 22.61 -10.96
N THR A 169 -11.22 22.74 -12.01
CA THR A 169 -12.66 22.83 -11.79
C THR A 169 -13.40 21.62 -12.39
N TYR A 170 -14.18 20.82 -11.62
CA TYR A 170 -14.77 19.63 -12.16
C TYR A 170 -16.17 19.95 -12.67
N ASP A 171 -16.56 19.25 -13.70
CA ASP A 171 -17.93 19.29 -14.19
C ASP A 171 -18.82 18.36 -13.47
N LYS A 172 -18.31 17.17 -13.02
CA LYS A 172 -19.20 16.17 -12.43
C LYS A 172 -18.35 15.56 -11.29
N ILE A 173 -19.04 15.19 -10.25
CA ILE A 173 -18.39 14.42 -9.11
C ILE A 173 -19.18 13.20 -8.80
N TYR A 174 -18.49 12.07 -8.50
CA TYR A 174 -19.13 10.85 -8.16
C TYR A 174 -18.41 10.32 -6.91
N TYR A 175 -19.17 9.76 -6.00
CA TYR A 175 -18.62 9.14 -4.79
C TYR A 175 -18.82 7.61 -4.88
N VAL A 176 -17.67 6.87 -4.89
CA VAL A 176 -17.68 5.43 -4.87
C VAL A 176 -17.22 4.94 -3.47
N GLY A 177 -18.12 4.32 -2.72
CA GLY A 177 -17.70 3.73 -1.42
C GLY A 177 -17.49 2.23 -1.63
N GLU A 178 -16.31 1.74 -1.29
CA GLU A 178 -15.94 0.32 -1.45
C GLU A 178 -16.07 -0.36 -0.09
N GLN A 179 -16.75 -1.49 -0.08
CA GLN A 179 -17.01 -2.24 1.17
C GLN A 179 -16.57 -3.68 1.07
N ASP A 180 -15.80 -4.12 2.11
CA ASP A 180 -15.50 -5.52 2.23
C ASP A 180 -16.59 -6.10 3.17
N PHE A 181 -17.19 -7.19 2.75
CA PHE A 181 -18.16 -7.96 3.59
C PHE A 181 -17.64 -9.32 3.89
N TYR A 182 -18.09 -9.88 5.00
CA TYR A 182 -17.61 -11.17 5.53
C TYR A 182 -18.86 -11.98 5.86
N VAL A 183 -19.36 -12.72 4.87
CA VAL A 183 -20.63 -13.43 5.11
C VAL A 183 -20.33 -14.84 5.49
N PRO A 184 -20.90 -15.31 6.62
CA PRO A 184 -20.69 -16.70 7.00
C PRO A 184 -21.33 -17.78 6.09
N ARG A 185 -20.70 -18.93 6.00
CA ARG A 185 -21.17 -20.07 5.22
C ARG A 185 -21.42 -21.25 6.15
N ASP A 186 -22.39 -22.09 5.80
CA ASP A 186 -22.55 -23.39 6.47
C ASP A 186 -21.59 -24.47 5.92
N GLU A 187 -21.77 -25.72 6.35
CA GLU A 187 -20.82 -26.82 5.99
C GLU A 187 -20.87 -27.27 4.51
N ASN A 188 -21.99 -27.02 3.83
CA ASN A 188 -22.12 -27.15 2.35
C ASN A 188 -21.62 -25.96 1.50
N GLY A 189 -20.93 -25.00 2.12
CA GLY A 189 -20.50 -23.73 1.49
C GLY A 189 -21.60 -22.76 1.02
N LYS A 190 -22.83 -22.87 1.54
CA LYS A 190 -23.89 -21.87 1.26
C LYS A 190 -23.89 -20.73 2.29
N TYR A 191 -24.10 -19.52 1.82
CA TYR A 191 -24.15 -18.36 2.75
C TYR A 191 -25.33 -18.45 3.69
N LYS A 192 -25.10 -18.17 4.96
CA LYS A 192 -26.14 -18.27 5.95
C LYS A 192 -27.06 -17.05 5.99
N LYS A 193 -28.29 -17.24 6.46
CA LYS A 193 -29.21 -16.12 6.65
C LYS A 193 -29.62 -16.04 8.11
N TYR A 194 -29.94 -14.84 8.59
CA TYR A 194 -30.29 -14.70 9.99
C TYR A 194 -31.49 -13.80 10.09
N GLU A 195 -32.16 -13.84 11.23
CA GLU A 195 -33.35 -13.01 11.40
C GLU A 195 -33.21 -11.70 12.15
N ALA A 196 -31.99 -11.35 12.59
CA ALA A 196 -31.73 -10.10 13.32
C ALA A 196 -30.20 -9.90 13.29
N PRO A 197 -29.78 -8.64 13.35
CA PRO A 197 -28.33 -8.41 13.20
C PRO A 197 -27.50 -9.12 14.28
N GLY A 198 -27.99 -9.10 15.51
CA GLY A 198 -27.18 -9.63 16.62
C GLY A 198 -26.95 -11.13 16.50
N ASP A 199 -27.84 -11.85 15.80
CA ASP A 199 -27.73 -13.28 15.61
C ASP A 199 -26.51 -13.67 14.72
N ALA A 200 -26.09 -12.72 13.86
CA ALA A 200 -25.00 -13.00 12.86
C ALA A 200 -23.64 -12.69 13.48
N TYR A 201 -23.66 -12.10 14.67
CA TYR A 201 -22.39 -11.51 15.24
C TYR A 201 -21.28 -12.55 15.39
N GLU A 202 -21.49 -13.61 16.19
CA GLU A 202 -20.44 -14.64 16.35
C GLU A 202 -19.93 -15.30 15.10
N ASP A 203 -20.83 -15.69 14.19
CA ASP A 203 -20.37 -16.34 13.00
C ASP A 203 -19.54 -15.33 12.14
N THR A 204 -19.96 -14.08 12.16
CA THR A 204 -19.30 -13.02 11.33
C THR A 204 -17.89 -12.74 11.85
N VAL A 205 -17.75 -12.67 13.17
CA VAL A 205 -16.39 -12.47 13.76
C VAL A 205 -15.44 -13.57 13.33
N LYS A 206 -15.93 -14.81 13.24
CA LYS A 206 -15.06 -15.88 12.79
C LYS A 206 -14.53 -15.68 11.39
N VAL A 207 -15.39 -15.23 10.47
CA VAL A 207 -14.94 -14.95 9.13
C VAL A 207 -13.97 -13.72 9.14
N MET A 208 -14.35 -12.67 9.89
CA MET A 208 -13.50 -11.42 9.88
C MET A 208 -12.05 -11.81 10.27
N ARG A 209 -11.88 -12.70 11.23
CA ARG A 209 -10.50 -13.02 11.78
C ARG A 209 -9.65 -13.72 10.73
N THR A 210 -10.24 -14.26 9.63
CA THR A 210 -9.46 -14.81 8.53
C THR A 210 -8.86 -13.70 7.64
N LEU A 211 -9.36 -12.45 7.79
CA LEU A 211 -8.89 -11.30 7.03
C LEU A 211 -9.29 -11.43 5.55
N THR A 212 -10.14 -12.37 5.16
CA THR A 212 -10.40 -12.53 3.75
C THR A 212 -11.90 -12.28 3.54
N PRO A 213 -12.25 -11.22 2.82
CA PRO A 213 -13.67 -10.94 2.56
C PRO A 213 -14.26 -11.96 1.61
N THR A 214 -15.58 -12.17 1.77
CA THR A 214 -16.31 -13.00 0.79
C THR A 214 -16.77 -12.19 -0.39
N HIS A 215 -16.91 -10.87 -0.19
CA HIS A 215 -17.37 -9.97 -1.26
C HIS A 215 -16.68 -8.66 -1.04
N VAL A 216 -16.38 -7.95 -2.13
CA VAL A 216 -15.82 -6.60 -2.07
C VAL A 216 -16.60 -5.83 -3.13
N VAL A 217 -17.40 -4.85 -2.67
CA VAL A 217 -18.37 -4.27 -3.62
C VAL A 217 -18.30 -2.77 -3.60
N PHE A 218 -18.86 -2.13 -4.64
CA PHE A 218 -19.00 -0.68 -4.67
C PHE A 218 -20.49 -0.40 -4.46
N ASN A 219 -20.76 0.63 -3.65
CA ASN A 219 -22.18 1.12 -3.45
C ASN A 219 -23.09 -0.07 -3.08
N GLY A 220 -22.59 -0.98 -2.22
CA GLY A 220 -23.40 -1.90 -1.47
C GLY A 220 -23.78 -3.19 -2.16
N ALA A 221 -23.40 -3.43 -3.42
CA ALA A 221 -23.77 -4.72 -4.06
C ALA A 221 -22.94 -4.93 -5.34
N VAL A 222 -22.76 -6.23 -5.65
CA VAL A 222 -22.18 -6.61 -6.94
C VAL A 222 -23.03 -5.98 -8.04
N GLY A 223 -22.41 -5.32 -9.01
CA GLY A 223 -23.19 -4.75 -10.10
C GLY A 223 -23.95 -3.50 -9.78
N ALA A 224 -23.84 -2.94 -8.56
CA ALA A 224 -24.56 -1.69 -8.26
C ALA A 224 -24.39 -0.57 -9.24
N LEU A 225 -23.15 -0.33 -9.72
CA LEU A 225 -22.83 0.77 -10.62
C LEU A 225 -22.44 0.30 -12.02
N THR A 226 -23.13 -0.69 -12.49
CA THR A 226 -22.88 -1.16 -13.82
C THR A 226 -24.11 -1.14 -14.69
N GLY A 227 -23.88 -1.42 -15.98
CA GLY A 227 -24.94 -1.56 -16.95
C GLY A 227 -25.76 -0.31 -17.10
N ASP A 228 -26.91 -0.28 -16.43
CA ASP A 228 -27.75 0.89 -16.48
C ASP A 228 -27.66 1.84 -15.28
N LYS A 229 -27.05 1.41 -14.18
CA LYS A 229 -26.72 2.31 -13.12
C LYS A 229 -25.20 2.76 -13.30
N ALA A 230 -24.65 2.67 -14.52
CA ALA A 230 -23.36 3.27 -14.85
C ALA A 230 -23.32 4.77 -14.59
N MET A 231 -22.16 5.25 -14.17
CA MET A 231 -21.92 6.66 -14.01
C MET A 231 -21.69 7.19 -15.44
N THR A 232 -22.11 8.41 -15.70
CA THR A 232 -22.02 8.96 -17.10
C THR A 232 -21.19 10.20 -17.15
N ALA A 233 -20.60 10.41 -18.33
CA ALA A 233 -19.90 11.64 -18.61
C ALA A 233 -19.86 11.82 -20.13
N ALA A 234 -19.21 12.89 -20.57
CA ALA A 234 -18.98 13.10 -22.00
C ALA A 234 -17.55 13.43 -22.26
N VAL A 235 -17.12 13.13 -23.50
CA VAL A 235 -15.78 13.57 -23.91
C VAL A 235 -15.56 15.05 -23.63
N GLY A 236 -14.47 15.41 -22.98
CA GLY A 236 -14.21 16.79 -22.60
C GLY A 236 -14.66 17.21 -21.24
N GLU A 237 -15.48 16.40 -20.53
CA GLU A 237 -15.94 16.73 -19.21
C GLU A 237 -14.82 16.34 -18.17
N LYS A 238 -14.65 17.20 -17.19
CA LYS A 238 -13.69 17.00 -16.04
C LYS A 238 -14.48 16.32 -14.95
N VAL A 239 -14.01 15.16 -14.43
CA VAL A 239 -14.79 14.42 -13.46
C VAL A 239 -13.87 14.16 -12.26
N LEU A 240 -14.44 14.36 -11.09
CA LEU A 240 -13.73 14.09 -9.80
C LEU A 240 -14.36 12.82 -9.24
N ILE A 241 -13.53 11.78 -9.00
CA ILE A 241 -14.06 10.55 -8.47
C ILE A 241 -13.51 10.36 -7.02
N VAL A 242 -14.42 10.45 -6.06
CA VAL A 242 -14.04 10.30 -4.64
C VAL A 242 -14.22 8.80 -4.30
N HIS A 243 -13.21 8.19 -3.58
CA HIS A 243 -13.34 6.75 -3.35
C HIS A 243 -12.89 6.55 -1.91
N SER A 244 -13.65 5.80 -1.17
CA SER A 244 -13.29 5.53 0.25
C SER A 244 -13.29 4.07 0.58
N GLN A 245 -12.49 3.68 1.61
CA GLN A 245 -12.53 2.31 2.07
C GLN A 245 -12.20 2.45 3.55
N ALA A 246 -13.15 2.12 4.42
CA ALA A 246 -12.92 2.38 5.85
C ALA A 246 -12.14 1.28 6.60
N ASN A 247 -11.90 0.16 5.94
CA ASN A 247 -11.30 -0.98 6.65
C ASN A 247 -10.14 -1.65 5.90
N ARG A 248 -10.12 -1.60 4.60
CA ARG A 248 -9.22 -2.44 3.87
C ARG A 248 -8.64 -1.71 2.70
N ASP A 249 -7.42 -2.02 2.28
CA ASP A 249 -6.81 -1.23 1.16
C ASP A 249 -7.50 -1.49 -0.17
N THR A 250 -7.33 -0.52 -1.06
CA THR A 250 -7.83 -0.72 -2.41
C THR A 250 -6.92 -0.03 -3.37
N ARG A 251 -7.06 -0.36 -4.64
CA ARG A 251 -6.10 0.23 -5.65
C ARG A 251 -6.92 0.52 -6.93
N PRO A 252 -7.57 1.68 -6.92
CA PRO A 252 -8.47 1.99 -8.04
C PRO A 252 -7.74 2.21 -9.37
N HIS A 253 -8.44 1.87 -10.44
CA HIS A 253 -7.89 2.02 -11.82
C HIS A 253 -9.11 2.25 -12.73
N LEU A 254 -8.98 3.23 -13.61
CA LEU A 254 -10.05 3.45 -14.67
C LEU A 254 -9.56 2.77 -15.94
N ILE A 255 -10.23 1.68 -16.32
CA ILE A 255 -9.74 0.87 -17.49
C ILE A 255 -10.08 1.66 -18.76
N GLY A 256 -9.01 2.03 -19.49
CA GLY A 256 -9.13 2.94 -20.63
C GLY A 256 -8.78 4.37 -20.35
N GLY A 257 -8.59 4.75 -19.07
CA GLY A 257 -8.27 6.13 -18.76
C GLY A 257 -7.12 6.14 -17.78
N HIS A 258 -7.02 7.23 -17.06
CA HIS A 258 -5.93 7.47 -16.10
C HIS A 258 -6.49 8.31 -14.98
N GLY A 259 -5.70 8.54 -13.94
CA GLY A 259 -5.99 9.64 -13.04
C GLY A 259 -5.06 10.74 -13.43
N ASP A 260 -5.62 11.80 -14.08
CA ASP A 260 -4.68 12.89 -14.42
C ASP A 260 -4.07 13.58 -13.22
N TYR A 261 -4.87 13.86 -12.21
CA TYR A 261 -4.39 14.34 -10.92
C TYR A 261 -4.99 13.42 -9.89
N VAL A 262 -4.14 12.94 -8.96
CA VAL A 262 -4.70 12.03 -7.94
C VAL A 262 -4.17 12.50 -6.58
N TRP A 263 -5.09 12.76 -5.66
CA TRP A 263 -4.74 12.98 -4.23
C TRP A 263 -4.95 11.63 -3.59
N ALA A 264 -3.89 10.78 -3.69
CA ALA A 264 -4.10 9.38 -3.29
C ALA A 264 -4.28 9.21 -1.75
N THR A 265 -3.70 10.13 -1.00
CA THR A 265 -3.88 10.32 0.42
C THR A 265 -5.17 11.07 0.76
N GLY A 266 -5.79 11.65 -0.27
CA GLY A 266 -7.01 12.39 -0.06
C GLY A 266 -6.88 13.81 0.48
N LYS A 267 -5.70 14.30 0.71
CA LYS A 267 -5.57 15.53 1.42
C LYS A 267 -5.09 16.67 0.51
N PHE A 268 -5.85 17.77 0.44
CA PHE A 268 -5.56 18.68 -0.69
C PHE A 268 -4.40 19.59 -0.48
N ASN A 269 -3.84 19.71 0.72
CA ASN A 269 -2.56 20.42 0.95
C ASN A 269 -1.32 19.57 0.57
N THR A 270 -1.51 18.27 0.28
CA THR A 270 -0.39 17.46 -0.24
C THR A 270 -0.59 17.52 -1.75
N PRO A 271 0.48 17.81 -2.51
CA PRO A 271 0.21 17.97 -3.95
C PRO A 271 -0.14 16.65 -4.65
N PRO A 272 -0.97 16.71 -5.70
CA PRO A 272 -1.39 15.46 -6.28
C PRO A 272 -0.34 14.76 -7.12
N ASP A 273 -0.41 13.44 -7.19
CA ASP A 273 0.36 12.70 -8.16
C ASP A 273 -0.33 12.86 -9.52
N VAL A 274 0.46 12.76 -10.58
CA VAL A 274 -0.10 12.94 -11.93
C VAL A 274 0.08 11.78 -12.84
N ASP A 275 -0.81 11.67 -13.83
CA ASP A 275 -0.72 10.68 -14.89
C ASP A 275 -0.76 9.26 -14.35
N GLN A 276 -1.54 9.03 -13.29
CA GLN A 276 -1.50 7.70 -12.65
C GLN A 276 -2.26 6.62 -13.40
N GLU A 277 -1.76 5.40 -13.39
CA GLU A 277 -2.48 4.27 -14.02
C GLU A 277 -3.37 3.67 -12.93
N THR A 278 -2.81 3.47 -11.72
CA THR A 278 -3.51 2.79 -10.63
C THR A 278 -2.97 3.46 -9.36
N TRP A 279 -3.87 3.85 -8.46
CA TRP A 279 -3.44 4.57 -7.27
C TRP A 279 -3.86 3.70 -6.09
N PHE A 280 -3.40 4.10 -4.92
CA PHE A 280 -3.55 3.20 -3.78
C PHE A 280 -4.18 3.98 -2.67
N ILE A 281 -5.26 3.44 -2.09
CA ILE A 281 -5.91 4.18 -0.95
C ILE A 281 -5.82 3.13 0.21
N PRO A 282 -5.15 3.44 1.33
CA PRO A 282 -5.09 2.49 2.45
C PRO A 282 -6.42 2.38 3.14
N GLY A 283 -6.70 1.19 3.67
CA GLY A 283 -7.86 1.10 4.54
C GLY A 283 -7.87 2.16 5.64
N GLY A 284 -9.08 2.78 5.81
CA GLY A 284 -9.18 3.90 6.75
C GLY A 284 -9.00 5.28 6.12
N ALA A 285 -9.04 5.39 4.80
CA ALA A 285 -8.82 6.65 4.15
C ALA A 285 -9.74 6.79 2.95
N ALA A 286 -9.85 8.05 2.50
CA ALA A 286 -10.47 8.36 1.22
C ALA A 286 -9.47 8.97 0.34
N GLY A 287 -9.66 8.81 -0.98
CA GLY A 287 -8.78 9.51 -1.99
C GLY A 287 -9.66 10.12 -3.07
N ALA A 288 -9.04 10.90 -3.95
CA ALA A 288 -9.79 11.53 -5.05
C ALA A 288 -8.93 11.56 -6.28
N ALA A 289 -9.55 11.30 -7.46
CA ALA A 289 -8.84 11.40 -8.73
C ALA A 289 -9.64 12.30 -9.67
N PHE A 290 -8.94 13.12 -10.42
CA PHE A 290 -9.55 14.05 -11.37
C PHE A 290 -9.16 13.60 -12.78
N TYR A 291 -10.10 13.49 -13.71
CA TYR A 291 -9.70 13.05 -15.01
C TYR A 291 -10.56 13.80 -16.06
N THR A 292 -9.93 14.07 -17.21
CA THR A 292 -10.74 14.66 -18.33
C THR A 292 -10.93 13.58 -19.36
N PHE A 293 -12.17 13.15 -19.62
CA PHE A 293 -12.38 12.11 -20.63
C PHE A 293 -12.03 12.56 -22.07
N GLN A 294 -11.29 11.71 -22.76
CA GLN A 294 -10.83 12.05 -24.12
C GLN A 294 -11.41 11.12 -25.19
N GLN A 295 -12.01 9.99 -24.79
CA GLN A 295 -12.61 9.00 -25.69
C GLN A 295 -13.95 8.54 -25.25
N PRO A 296 -14.88 8.28 -26.20
CA PRO A 296 -16.18 7.81 -25.75
C PRO A 296 -16.13 6.31 -25.50
N GLY A 297 -17.22 5.80 -24.95
CA GLY A 297 -17.48 4.36 -24.86
C GLY A 297 -17.61 3.94 -23.39
N ILE A 298 -17.55 2.63 -23.15
CA ILE A 298 -17.65 2.03 -21.78
C ILE A 298 -16.27 2.01 -21.16
N TYR A 299 -16.17 2.54 -19.94
CA TYR A 299 -14.95 2.35 -19.12
C TYR A 299 -15.34 1.51 -17.90
N ALA A 300 -14.45 0.65 -17.45
CA ALA A 300 -14.70 0.00 -16.14
C ALA A 300 -13.80 0.61 -15.11
N TYR A 301 -14.32 0.76 -13.91
CA TYR A 301 -13.55 1.42 -12.85
C TYR A 301 -13.45 0.31 -11.83
N VAL A 302 -12.25 -0.11 -11.49
CA VAL A 302 -12.10 -1.32 -10.70
C VAL A 302 -11.09 -1.16 -9.59
N ASN A 303 -11.12 -2.03 -8.59
CA ASN A 303 -10.00 -2.28 -7.70
C ASN A 303 -9.06 -3.20 -8.47
N HIS A 304 -7.80 -2.82 -8.69
CA HIS A 304 -6.99 -3.64 -9.61
C HIS A 304 -6.25 -4.82 -8.94
N ASN A 305 -6.78 -5.30 -7.80
CA ASN A 305 -6.59 -6.74 -7.60
C ASN A 305 -7.76 -7.37 -8.37
N LEU A 306 -7.43 -7.88 -9.53
CA LEU A 306 -8.52 -8.26 -10.51
C LEU A 306 -9.34 -9.43 -10.02
N ILE A 307 -8.87 -10.17 -9.00
CA ILE A 307 -9.70 -11.18 -8.40
C ILE A 307 -10.80 -10.43 -7.58
N GLU A 308 -10.39 -9.45 -6.79
CA GLU A 308 -11.34 -8.65 -6.03
C GLU A 308 -12.32 -7.98 -7.02
N ALA A 309 -11.83 -7.43 -8.14
CA ALA A 309 -12.78 -6.74 -9.07
C ALA A 309 -13.74 -7.71 -9.72
N PHE A 310 -13.23 -8.76 -10.31
CA PHE A 310 -14.08 -9.60 -11.20
C PHE A 310 -14.63 -10.80 -10.59
N GLU A 311 -14.07 -11.32 -9.49
CA GLU A 311 -14.64 -12.46 -8.81
C GLU A 311 -15.40 -12.00 -7.60
N LEU A 312 -14.92 -10.99 -6.85
CA LEU A 312 -15.57 -10.63 -5.57
C LEU A 312 -16.50 -9.42 -5.64
N GLY A 313 -16.46 -8.65 -6.74
CA GLY A 313 -17.51 -7.67 -6.99
C GLY A 313 -17.12 -6.20 -7.14
N ALA A 314 -15.81 -5.86 -7.08
CA ALA A 314 -15.36 -4.52 -7.07
C ALA A 314 -15.14 -3.92 -8.45
N ALA A 315 -16.24 -3.73 -9.18
CA ALA A 315 -16.20 -3.22 -10.56
C ALA A 315 -17.41 -2.31 -10.80
N ALA A 316 -17.19 -1.14 -11.39
CA ALA A 316 -18.27 -0.20 -11.80
C ALA A 316 -18.02 0.17 -13.27
N HIS A 317 -19.07 0.71 -13.92
CA HIS A 317 -18.92 1.25 -15.29
C HIS A 317 -19.13 2.75 -15.38
N PHE A 318 -18.37 3.39 -16.29
CA PHE A 318 -18.71 4.71 -16.81
C PHE A 318 -19.16 4.53 -18.23
N LYS A 319 -20.23 5.23 -18.61
CA LYS A 319 -20.67 5.26 -20.02
C LYS A 319 -20.44 6.72 -20.47
N VAL A 320 -19.63 6.88 -21.52
CA VAL A 320 -19.13 8.18 -21.90
C VAL A 320 -19.59 8.43 -23.38
N THR A 321 -20.26 9.55 -23.63
CA THR A 321 -20.71 9.91 -24.97
C THR A 321 -19.70 10.82 -25.68
N GLY A 322 -19.72 10.90 -27.01
CA GLY A 322 -18.79 11.75 -27.70
C GLY A 322 -18.24 11.13 -28.95
N GLU A 323 -17.32 11.82 -29.60
CA GLU A 323 -16.73 11.27 -30.84
C GLU A 323 -15.36 10.66 -30.52
N TRP A 324 -15.08 9.58 -31.21
CA TRP A 324 -13.77 8.89 -31.22
C TRP A 324 -12.61 9.69 -31.79
N ASN A 325 -11.47 9.68 -31.09
CA ASN A 325 -10.24 10.30 -31.53
C ASN A 325 -9.27 9.24 -32.04
N ASP A 326 -9.08 9.20 -33.36
CA ASP A 326 -8.25 8.20 -33.95
C ASP A 326 -6.78 8.47 -33.82
N ASP A 327 -6.43 9.71 -33.46
CA ASP A 327 -5.04 10.03 -33.25
C ASP A 327 -4.58 9.33 -31.94
N LEU A 328 -5.46 9.31 -30.96
CA LEU A 328 -5.10 8.68 -29.64
C LEU A 328 -5.04 7.21 -29.78
N MET A 329 -5.98 6.63 -30.50
CA MET A 329 -6.03 5.17 -30.64
C MET A 329 -6.79 4.72 -31.89
N THR A 330 -6.22 3.76 -32.62
CA THR A 330 -6.95 3.23 -33.74
C THR A 330 -6.67 1.76 -34.02
N SER A 331 -7.70 1.05 -34.52
CA SER A 331 -7.50 -0.29 -35.04
C SER A 331 -6.91 -0.29 -36.46
N VAL A 332 -5.64 -0.59 -36.63
CA VAL A 332 -4.98 -0.58 -37.96
C VAL A 332 -5.46 -1.79 -38.78
N LEU A 333 -5.51 -2.93 -38.14
CA LEU A 333 -6.10 -4.13 -38.74
C LEU A 333 -7.02 -4.79 -37.72
N ALA A 334 -8.31 -4.86 -38.00
CA ALA A 334 -9.24 -5.43 -37.04
C ALA A 334 -8.97 -6.93 -37.01
N PRO A 335 -9.33 -7.60 -35.89
CA PRO A 335 -9.11 -9.05 -35.76
C PRO A 335 -9.51 -9.78 -37.06
N SER A 336 -8.60 -10.59 -37.57
CA SER A 336 -8.80 -11.24 -38.86
C SER A 336 -7.86 -12.41 -39.05
N GLY A 337 -8.27 -13.36 -39.90
CA GLY A 337 -7.53 -14.59 -40.22
C GLY A 337 -6.07 -14.50 -40.64
N ALA B 2 -1.50 15.08 -35.92
CA ALA B 2 -2.82 14.62 -35.50
C ALA B 2 -3.59 13.88 -36.63
N THR B 3 -3.38 14.22 -37.92
CA THR B 3 -4.24 13.63 -39.00
C THR B 3 -3.76 12.30 -39.51
N ALA B 4 -4.67 11.49 -40.10
CA ALA B 4 -4.30 10.15 -40.61
C ALA B 4 -3.14 10.26 -41.62
N ALA B 5 -3.17 11.36 -42.38
CA ALA B 5 -2.19 11.71 -43.38
C ALA B 5 -0.84 11.93 -42.72
N GLU B 6 -0.77 12.88 -41.77
CA GLU B 6 0.47 13.25 -41.06
C GLU B 6 1.14 12.07 -40.35
N ILE B 7 0.33 11.14 -39.85
CA ILE B 7 0.80 9.94 -39.17
C ILE B 7 1.48 9.00 -40.12
N ALA B 8 0.91 8.78 -41.31
CA ALA B 8 1.60 7.94 -42.34
C ALA B 8 2.92 8.57 -42.89
N ALA B 9 3.08 9.85 -42.69
CA ALA B 9 4.30 10.56 -43.02
C ALA B 9 5.44 10.32 -42.04
N LEU B 10 5.16 9.77 -40.86
CA LEU B 10 6.17 9.71 -39.80
C LEU B 10 7.18 8.61 -40.09
N PRO B 11 8.44 8.76 -39.59
CA PRO B 11 9.39 7.64 -39.70
C PRO B 11 8.83 6.43 -38.93
N ARG B 12 9.16 5.22 -39.38
CA ARG B 12 8.77 3.92 -38.76
C ARG B 12 10.04 3.26 -38.27
N GLN B 13 10.03 2.72 -37.07
CA GLN B 13 11.17 1.96 -36.61
C GLN B 13 10.66 0.63 -36.08
N LYS B 14 11.22 -0.47 -36.55
CA LYS B 14 10.74 -1.82 -36.22
C LYS B 14 11.74 -2.30 -35.16
N VAL B 15 11.25 -2.78 -34.02
CA VAL B 15 12.10 -3.19 -32.92
C VAL B 15 11.96 -4.68 -32.75
N GLU B 16 13.06 -5.31 -32.44
CA GLU B 16 13.08 -6.70 -32.11
C GLU B 16 13.13 -6.80 -30.59
N LEU B 17 12.17 -7.50 -30.04
CA LEU B 17 12.07 -7.59 -28.59
C LEU B 17 13.03 -8.59 -28.00
N VAL B 18 13.46 -8.34 -26.77
CA VAL B 18 14.30 -9.30 -26.06
C VAL B 18 13.63 -9.74 -24.78
N ASP B 19 14.06 -10.89 -24.32
CA ASP B 19 13.36 -11.57 -23.16
C ASP B 19 13.83 -10.87 -21.88
N PRO B 20 12.86 -10.67 -20.98
CA PRO B 20 13.21 -10.14 -19.64
C PRO B 20 14.23 -11.11 -18.96
N PRO B 21 15.06 -10.57 -18.07
CA PRO B 21 14.95 -9.21 -17.55
C PRO B 21 15.66 -8.15 -18.34
N PHE B 22 16.17 -8.54 -19.52
CA PHE B 22 16.83 -7.55 -20.38
C PHE B 22 15.79 -6.76 -21.20
N VAL B 23 16.27 -5.67 -21.82
CA VAL B 23 15.41 -4.68 -22.50
C VAL B 23 16.09 -4.41 -23.87
N HIS B 24 15.26 -4.37 -24.92
CA HIS B 24 15.80 -4.00 -26.22
C HIS B 24 16.52 -2.66 -26.24
N ALA B 25 17.44 -2.56 -27.21
CA ALA B 25 18.18 -1.29 -27.37
C ALA B 25 17.27 -0.09 -27.63
N HIS B 26 17.64 1.03 -27.01
CA HIS B 26 16.82 2.24 -27.13
C HIS B 26 17.70 3.39 -26.76
N SER B 27 17.31 4.62 -27.06
CA SER B 27 18.07 5.74 -26.55
C SER B 27 17.30 6.42 -25.45
N GLN B 28 17.96 6.96 -24.45
CA GLN B 28 17.22 7.60 -23.37
C GLN B 28 16.60 8.94 -23.81
N VAL B 29 17.46 9.75 -24.44
CA VAL B 29 17.02 11.02 -25.06
C VAL B 29 16.58 10.63 -26.53
N ALA B 30 15.41 11.09 -26.93
CA ALA B 30 14.79 10.70 -28.23
C ALA B 30 15.64 11.46 -29.28
N GLU B 31 16.00 10.72 -30.34
CA GLU B 31 16.69 11.26 -31.50
C GLU B 31 15.66 11.71 -32.53
N GLY B 32 15.52 13.03 -32.67
CA GLY B 32 14.55 13.56 -33.62
C GLY B 32 13.12 13.40 -33.16
N GLY B 33 12.18 13.52 -34.09
CA GLY B 33 10.79 13.80 -33.75
C GLY B 33 10.03 12.53 -33.50
N PRO B 34 8.71 12.65 -33.24
CA PRO B 34 7.79 11.51 -33.06
C PRO B 34 7.90 10.45 -34.13
N LYS B 35 7.85 9.18 -33.73
CA LYS B 35 7.96 8.06 -34.65
C LYS B 35 6.83 7.08 -34.39
N VAL B 36 6.63 6.20 -35.34
CA VAL B 36 5.76 5.05 -35.21
C VAL B 36 6.66 3.89 -34.91
N VAL B 37 6.58 3.34 -33.69
CA VAL B 37 7.53 2.33 -33.32
C VAL B 37 6.76 1.04 -33.38
N GLU B 38 7.26 0.10 -34.12
CA GLU B 38 6.53 -1.14 -34.42
C GLU B 38 7.05 -2.32 -33.67
N PHE B 39 6.14 -3.08 -33.04
CA PHE B 39 6.45 -4.32 -32.34
C PHE B 39 5.55 -5.43 -32.80
N THR B 40 6.01 -6.65 -32.68
CA THR B 40 5.25 -7.85 -33.01
C THR B 40 5.35 -8.82 -31.79
N MET B 41 4.21 -9.36 -31.32
CA MET B 41 4.29 -10.42 -30.31
C MET B 41 3.37 -11.52 -30.74
N VAL B 42 3.83 -12.72 -30.50
CA VAL B 42 2.99 -13.90 -30.70
C VAL B 42 2.66 -14.46 -29.31
N ILE B 43 1.38 -14.81 -29.12
CA ILE B 43 0.92 -15.36 -27.86
C ILE B 43 1.17 -16.83 -27.80
N GLU B 44 1.74 -17.37 -26.75
N GLU B 44 1.85 -17.35 -26.77
CA GLU B 44 1.84 -18.80 -26.60
CA GLU B 44 2.01 -18.83 -26.59
C GLU B 44 1.20 -19.29 -25.33
C GLU B 44 1.25 -19.29 -25.34
N GLU B 45 0.34 -20.25 -25.48
CA GLU B 45 -0.15 -21.06 -24.32
C GLU B 45 0.77 -22.25 -24.16
N LYS B 46 1.36 -22.45 -22.99
CA LYS B 46 2.44 -23.45 -22.84
C LYS B 46 2.53 -23.81 -21.37
N LYS B 47 2.99 -25.01 -21.12
CA LYS B 47 3.25 -25.46 -19.78
C LYS B 47 4.58 -24.95 -19.33
N ILE B 48 4.68 -24.41 -18.12
CA ILE B 48 5.99 -23.92 -17.61
C ILE B 48 6.15 -24.61 -16.25
N VAL B 49 7.40 -24.86 -15.85
CA VAL B 49 7.65 -25.42 -14.51
C VAL B 49 8.19 -24.25 -13.66
N ILE B 50 7.60 -24.08 -12.46
CA ILE B 50 7.84 -22.83 -11.67
C ILE B 50 8.68 -23.05 -10.44
N ASP B 51 9.03 -24.32 -10.14
CA ASP B 51 9.85 -24.61 -8.94
C ASP B 51 10.65 -25.89 -9.11
N ASP B 52 11.53 -26.15 -8.12
CA ASP B 52 12.50 -27.31 -8.30
C ASP B 52 11.79 -28.67 -8.07
N ALA B 53 10.64 -28.62 -7.47
CA ALA B 53 9.77 -29.78 -7.25
C ALA B 53 9.03 -30.16 -8.57
N GLY B 54 9.08 -29.30 -9.60
CA GLY B 54 8.41 -29.65 -10.85
C GLY B 54 6.98 -29.18 -10.93
N THR B 55 6.59 -28.20 -10.11
CA THR B 55 5.23 -27.70 -10.19
C THR B 55 4.98 -27.02 -11.56
N GLU B 56 3.87 -27.36 -12.20
CA GLU B 56 3.55 -26.89 -13.52
C GLU B 56 2.42 -25.93 -13.51
N VAL B 57 2.43 -24.97 -14.42
CA VAL B 57 1.27 -24.12 -14.61
C VAL B 57 1.08 -24.05 -16.13
N HIS B 58 -0.19 -23.99 -16.55
CA HIS B 58 -0.45 -23.61 -17.95
C HIS B 58 -0.37 -22.12 -18.10
N ALA B 59 0.74 -21.64 -18.62
CA ALA B 59 0.95 -20.25 -18.74
C ALA B 59 0.36 -19.75 -20.02
N MET B 60 0.04 -18.47 -20.04
CA MET B 60 -0.49 -17.77 -21.24
C MET B 60 0.46 -16.61 -21.44
N ALA B 61 1.35 -16.71 -22.42
CA ALA B 61 2.53 -15.82 -22.41
C ALA B 61 2.66 -15.02 -23.64
N PHE B 62 2.69 -13.71 -23.45
CA PHE B 62 3.07 -12.81 -24.54
C PHE B 62 4.52 -13.07 -24.92
N ASN B 63 4.75 -13.38 -26.20
CA ASN B 63 6.08 -13.63 -26.70
C ASN B 63 6.79 -14.85 -26.07
N GLY B 64 6.00 -15.76 -25.45
CA GLY B 64 6.49 -16.93 -24.81
C GLY B 64 7.15 -16.79 -23.43
N THR B 65 7.17 -15.58 -22.86
CA THR B 65 7.86 -15.39 -21.56
C THR B 65 6.85 -14.84 -20.54
N VAL B 66 7.17 -15.14 -19.28
CA VAL B 66 6.41 -14.56 -18.16
C VAL B 66 7.48 -13.81 -17.31
N PRO B 67 7.43 -12.49 -17.24
CA PRO B 67 6.44 -11.60 -17.86
C PRO B 67 6.69 -11.49 -19.37
N GLY B 68 5.77 -10.85 -20.05
CA GLY B 68 5.99 -10.40 -21.42
C GLY B 68 7.10 -9.39 -21.44
N PRO B 69 7.66 -9.14 -22.62
CA PRO B 69 8.84 -8.27 -22.71
C PRO B 69 8.48 -6.78 -22.50
N LEU B 70 9.48 -5.98 -22.11
CA LEU B 70 9.27 -4.57 -21.96
C LEU B 70 9.43 -3.90 -23.33
N MET B 71 8.48 -3.05 -23.66
CA MET B 71 8.55 -2.23 -24.94
C MET B 71 8.98 -0.84 -24.49
N VAL B 72 9.90 -0.19 -25.19
CA VAL B 72 10.27 1.16 -24.87
C VAL B 72 9.99 2.14 -26.01
N VAL B 73 9.27 3.21 -25.71
CA VAL B 73 9.01 4.31 -26.67
C VAL B 73 9.25 5.64 -25.96
N HIS B 74 9.14 6.76 -26.65
CA HIS B 74 9.15 8.06 -25.94
C HIS B 74 7.81 8.77 -26.03
N GLN B 75 7.61 9.74 -25.16
CA GLN B 75 6.33 10.42 -25.09
C GLN B 75 6.01 10.99 -26.50
N ASP B 76 4.74 10.76 -26.91
CA ASP B 76 4.16 11.22 -28.16
C ASP B 76 4.63 10.45 -29.34
N ASP B 77 5.44 9.42 -29.16
CA ASP B 77 5.51 8.40 -30.19
C ASP B 77 4.21 7.67 -30.29
N TYR B 78 4.02 7.00 -31.42
CA TYR B 78 2.93 6.02 -31.59
C TYR B 78 3.51 4.62 -31.42
N LEU B 79 2.85 3.78 -30.61
CA LEU B 79 3.24 2.40 -30.54
C LEU B 79 2.26 1.60 -31.41
N GLU B 80 2.78 0.81 -32.34
CA GLU B 80 1.95 -0.03 -33.22
C GLU B 80 2.33 -1.45 -32.96
N LEU B 81 1.38 -2.21 -32.43
CA LEU B 81 1.57 -3.58 -32.11
C LEU B 81 0.83 -4.49 -33.02
N THR B 82 1.56 -5.38 -33.63
CA THR B 82 0.97 -6.59 -34.28
C THR B 82 0.88 -7.71 -33.29
N LEU B 83 -0.33 -8.19 -32.98
CA LEU B 83 -0.51 -9.22 -31.95
C LEU B 83 -1.11 -10.43 -32.66
N ILE B 84 -0.50 -11.59 -32.44
CA ILE B 84 -0.81 -12.81 -33.18
C ILE B 84 -1.23 -13.89 -32.22
N ASN B 85 -2.38 -14.47 -32.47
CA ASN B 85 -2.84 -15.59 -31.68
C ASN B 85 -2.82 -16.83 -32.56
N PRO B 86 -1.76 -17.65 -32.47
CA PRO B 86 -1.60 -18.82 -33.38
C PRO B 86 -2.70 -19.82 -33.22
N GLU B 87 -2.97 -20.55 -34.31
CA GLU B 87 -4.08 -21.55 -34.25
C GLU B 87 -3.80 -22.79 -33.43
N THR B 88 -2.55 -22.94 -32.96
CA THR B 88 -2.26 -23.94 -31.94
C THR B 88 -2.78 -23.58 -30.52
N ASN B 89 -3.19 -22.31 -30.28
CA ASN B 89 -3.71 -21.95 -28.97
C ASN B 89 -5.18 -22.33 -28.90
N THR B 90 -5.74 -22.30 -27.70
CA THR B 90 -7.13 -22.74 -27.42
C THR B 90 -8.08 -21.62 -27.03
N LEU B 91 -7.54 -20.46 -26.57
CA LEU B 91 -8.40 -19.39 -26.04
C LEU B 91 -8.33 -18.13 -26.79
N MET B 92 -9.36 -17.28 -26.65
N MET B 92 -9.36 -17.29 -26.64
CA MET B 92 -9.34 -15.93 -27.21
CA MET B 92 -9.39 -15.93 -27.16
C MET B 92 -8.41 -15.16 -26.25
C MET B 92 -8.48 -15.10 -26.23
N HIS B 93 -7.69 -14.20 -26.81
CA HIS B 93 -6.86 -13.28 -25.98
C HIS B 93 -7.00 -11.87 -26.50
N ASN B 94 -6.56 -10.87 -25.76
CA ASN B 94 -6.49 -9.52 -26.26
C ASN B 94 -5.41 -8.78 -25.42
N ILE B 95 -5.36 -7.48 -25.52
CA ILE B 95 -4.33 -6.69 -24.73
C ILE B 95 -4.88 -5.39 -24.32
N ASP B 96 -4.59 -4.98 -23.06
CA ASP B 96 -4.99 -3.74 -22.53
C ASP B 96 -3.68 -3.08 -22.12
N PHE B 97 -3.38 -1.97 -22.71
CA PHE B 97 -2.23 -1.20 -22.32
C PHE B 97 -2.67 -0.14 -21.32
N HIS B 98 -2.19 -0.16 -20.09
CA HIS B 98 -2.51 0.94 -19.25
C HIS B 98 -1.93 2.31 -19.70
N ALA B 99 -0.97 2.30 -20.62
CA ALA B 99 -0.40 3.53 -21.18
C ALA B 99 -1.38 4.21 -22.16
N ALA B 100 -2.36 3.46 -22.66
CA ALA B 100 -3.20 3.95 -23.81
C ALA B 100 -4.50 4.52 -23.33
N THR B 101 -5.11 5.37 -24.19
CA THR B 101 -6.37 6.00 -23.82
C THR B 101 -7.49 5.50 -24.76
N GLY B 102 -8.53 4.92 -24.18
CA GLY B 102 -9.74 4.51 -24.91
C GLY B 102 -9.89 3.03 -25.06
N ALA B 103 -11.12 2.60 -25.33
CA ALA B 103 -11.46 1.22 -25.66
C ALA B 103 -10.82 0.19 -24.68
N LEU B 104 -10.97 0.50 -23.37
CA LEU B 104 -10.45 -0.42 -22.30
C LEU B 104 -8.92 -0.68 -22.50
N GLY B 105 -8.18 0.36 -22.82
CA GLY B 105 -6.74 0.31 -23.11
C GLY B 105 -6.37 -0.45 -24.32
N GLY B 106 -7.33 -0.64 -25.27
CA GLY B 106 -7.01 -1.44 -26.46
C GLY B 106 -7.73 -2.73 -26.41
N GLY B 107 -8.19 -3.14 -25.19
CA GLY B 107 -8.70 -4.48 -25.10
C GLY B 107 -10.03 -4.70 -25.92
N GLY B 108 -10.80 -3.63 -26.09
CA GLY B 108 -12.08 -3.79 -26.83
C GLY B 108 -11.81 -3.92 -28.33
N LEU B 109 -10.59 -3.60 -28.80
CA LEU B 109 -10.25 -3.65 -30.27
C LEU B 109 -9.35 -4.76 -30.67
N THR B 110 -8.95 -5.63 -29.73
CA THR B 110 -7.89 -6.58 -30.00
C THR B 110 -8.23 -8.01 -29.65
N GLU B 111 -9.55 -8.30 -29.54
CA GLU B 111 -9.98 -9.62 -29.21
C GLU B 111 -9.73 -10.54 -30.43
N ILE B 112 -8.85 -11.49 -30.28
CA ILE B 112 -8.41 -12.39 -31.33
C ILE B 112 -8.58 -13.82 -30.88
N ASN B 113 -9.28 -14.58 -31.72
CA ASN B 113 -9.36 -16.01 -31.52
C ASN B 113 -8.14 -16.68 -32.06
N PRO B 114 -7.94 -17.95 -31.71
CA PRO B 114 -6.81 -18.75 -32.32
C PRO B 114 -6.87 -18.70 -33.89
N GLY B 115 -5.75 -18.45 -34.57
CA GLY B 115 -5.71 -18.21 -36.04
C GLY B 115 -5.89 -16.77 -36.51
N GLU B 116 -5.96 -15.81 -35.57
CA GLU B 116 -6.27 -14.41 -35.91
C GLU B 116 -5.13 -13.48 -35.49
N LYS B 117 -5.04 -12.34 -36.13
CA LYS B 117 -4.07 -11.34 -35.74
C LYS B 117 -4.72 -9.98 -35.79
N THR B 118 -4.10 -8.94 -35.21
CA THR B 118 -4.66 -7.64 -35.17
C THR B 118 -3.55 -6.66 -35.04
N ILE B 119 -3.75 -5.44 -35.54
CA ILE B 119 -2.76 -4.38 -35.39
C ILE B 119 -3.42 -3.23 -34.71
N LEU B 120 -2.80 -2.76 -33.59
CA LEU B 120 -3.31 -1.66 -32.81
C LEU B 120 -2.28 -0.56 -32.75
N ARG B 121 -2.68 0.69 -32.91
N ARG B 121 -2.73 0.68 -32.93
CA ARG B 121 -1.77 1.78 -32.75
CA ARG B 121 -1.89 1.85 -32.77
C ARG B 121 -2.36 2.76 -31.72
C ARG B 121 -2.42 2.71 -31.64
N PHE B 122 -1.52 3.23 -30.78
CA PHE B 122 -1.94 4.24 -29.85
C PHE B 122 -0.82 5.23 -29.62
N LYS B 123 -1.20 6.41 -29.27
CA LYS B 123 -0.27 7.50 -29.03
C LYS B 123 0.12 7.42 -27.51
N ALA B 124 1.41 7.41 -27.26
CA ALA B 124 1.93 7.30 -25.86
C ALA B 124 1.97 8.69 -25.30
N THR B 125 0.84 9.17 -24.81
CA THR B 125 0.71 10.54 -24.36
C THR B 125 1.29 10.90 -22.97
N LYS B 126 1.55 9.87 -22.14
CA LYS B 126 1.89 10.10 -20.72
C LYS B 126 3.22 9.32 -20.48
N PRO B 127 4.24 9.98 -19.89
CA PRO B 127 5.54 9.30 -19.70
C PRO B 127 5.46 8.50 -18.36
N GLY B 128 6.11 7.39 -18.42
CA GLY B 128 6.10 6.52 -17.19
C GLY B 128 6.30 5.10 -17.60
N VAL B 129 6.34 4.21 -16.57
CA VAL B 129 6.25 2.82 -16.83
C VAL B 129 4.82 2.35 -16.50
N PHE B 130 4.31 1.46 -17.32
CA PHE B 130 2.90 1.10 -17.24
C PHE B 130 2.71 -0.38 -17.47
N VAL B 131 1.74 -1.03 -16.80
CA VAL B 131 1.52 -2.40 -17.06
C VAL B 131 0.68 -2.59 -18.35
N TYR B 132 0.93 -3.68 -19.04
CA TYR B 132 -0.06 -4.24 -20.01
C TYR B 132 -0.47 -5.62 -19.66
N HIS B 133 -1.70 -6.01 -20.04
CA HIS B 133 -2.09 -7.37 -19.73
C HIS B 133 -3.24 -7.79 -20.59
N CYS B 134 -3.43 -9.09 -20.68
CA CYS B 134 -4.64 -9.63 -21.34
C CYS B 134 -5.88 -9.37 -20.46
N ALA B 135 -7.05 -9.16 -21.07
CA ALA B 135 -8.28 -8.90 -20.27
C ALA B 135 -9.51 -9.34 -21.15
N PRO B 136 -9.73 -10.62 -21.36
CA PRO B 136 -10.88 -11.04 -22.14
C PRO B 136 -12.13 -11.01 -21.31
N PRO B 137 -13.21 -10.50 -21.88
CA PRO B 137 -14.44 -10.33 -21.09
C PRO B 137 -14.83 -11.62 -20.43
N GLY B 138 -15.09 -11.59 -19.13
CA GLY B 138 -15.44 -12.82 -18.41
C GLY B 138 -14.33 -13.70 -17.89
N MET B 139 -13.11 -13.51 -18.37
CA MET B 139 -12.06 -14.37 -17.82
C MET B 139 -10.84 -13.48 -17.43
N VAL B 140 -11.05 -12.22 -17.03
CA VAL B 140 -9.92 -11.29 -16.90
C VAL B 140 -8.84 -11.76 -15.87
N PRO B 141 -9.23 -12.06 -14.62
CA PRO B 141 -8.12 -12.39 -13.71
C PRO B 141 -7.46 -13.68 -14.06
N TRP B 142 -8.18 -14.63 -14.64
CA TRP B 142 -7.56 -15.94 -14.94
C TRP B 142 -6.45 -15.80 -15.98
N HIS B 143 -6.59 -14.95 -17.02
CA HIS B 143 -5.46 -14.83 -17.99
C HIS B 143 -4.29 -14.03 -17.28
N VAL B 144 -4.60 -13.02 -16.46
CA VAL B 144 -3.52 -12.21 -15.81
C VAL B 144 -2.68 -13.15 -14.88
N VAL B 145 -3.37 -13.93 -14.04
CA VAL B 145 -2.64 -14.76 -13.07
C VAL B 145 -2.09 -16.05 -13.65
N SER B 146 -2.32 -16.27 -14.97
CA SER B 146 -1.65 -17.28 -15.69
C SER B 146 -0.43 -16.67 -16.42
N GLY B 147 -0.04 -15.42 -16.15
CA GLY B 147 1.26 -14.91 -16.68
C GLY B 147 1.07 -13.94 -17.80
N MET B 148 -0.14 -13.61 -18.15
CA MET B 148 -0.35 -12.83 -19.34
C MET B 148 -0.30 -11.31 -19.12
N ASN B 149 0.88 -10.84 -18.80
CA ASN B 149 1.09 -9.44 -18.48
C ASN B 149 2.55 -9.08 -18.61
N GLY B 150 2.77 -7.82 -18.78
CA GLY B 150 4.17 -7.30 -18.95
C GLY B 150 4.14 -5.80 -18.63
N ALA B 151 5.07 -5.01 -19.19
CA ALA B 151 5.06 -3.58 -18.98
C ALA B 151 5.63 -2.85 -20.20
N ILE B 152 5.32 -1.58 -20.31
CA ILE B 152 6.02 -0.71 -21.29
C ILE B 152 6.66 0.45 -20.57
N MET B 153 7.66 1.09 -21.16
CA MET B 153 8.21 2.29 -20.60
C MET B 153 8.09 3.40 -21.71
N VAL B 154 7.46 4.48 -21.32
CA VAL B 154 7.35 5.70 -22.16
C VAL B 154 8.28 6.70 -21.53
N LEU B 155 9.46 6.87 -22.16
CA LEU B 155 10.43 7.83 -21.65
C LEU B 155 10.08 9.27 -22.04
N PRO B 156 10.33 10.24 -21.14
CA PRO B 156 10.23 11.66 -21.62
C PRO B 156 11.19 11.78 -22.81
N ARG B 157 10.87 12.72 -23.72
CA ARG B 157 11.77 12.83 -24.91
C ARG B 157 13.15 13.35 -24.51
N GLU B 158 13.22 14.06 -23.39
CA GLU B 158 14.47 14.59 -22.88
C GLU B 158 15.13 13.62 -21.90
N GLY B 159 14.66 12.38 -21.88
CA GLY B 159 15.20 11.38 -20.95
C GLY B 159 14.77 11.63 -19.50
N LEU B 160 15.30 10.85 -18.53
CA LEU B 160 14.78 11.00 -17.14
C LEU B 160 15.47 12.16 -16.43
N HIS B 161 14.75 12.77 -15.50
CA HIS B 161 15.29 13.85 -14.68
C HIS B 161 14.82 13.62 -13.26
N ASP B 162 15.51 14.22 -12.32
CA ASP B 162 15.12 14.14 -10.94
C ASP B 162 13.97 15.16 -10.68
N GLY B 163 13.55 15.30 -9.45
CA GLY B 163 12.45 16.26 -9.20
C GLY B 163 12.76 17.74 -9.57
N LYS B 164 14.04 18.08 -9.63
CA LYS B 164 14.46 19.46 -9.78
C LYS B 164 15.24 19.70 -11.06
N GLY B 165 14.88 18.98 -12.10
CA GLY B 165 15.44 19.15 -13.44
C GLY B 165 16.86 18.65 -13.75
N LYS B 166 17.58 18.07 -12.79
CA LYS B 166 18.87 17.45 -13.09
C LYS B 166 18.67 16.13 -13.89
N ALA B 167 19.45 15.93 -14.96
CA ALA B 167 19.36 14.70 -15.77
C ALA B 167 19.82 13.47 -15.01
N LEU B 168 19.11 12.36 -15.20
CA LEU B 168 19.50 11.08 -14.61
C LEU B 168 19.64 10.14 -15.76
N THR B 169 20.83 9.65 -15.96
CA THR B 169 21.17 8.76 -17.04
C THR B 169 21.62 7.44 -16.47
N TYR B 170 20.91 6.38 -16.85
CA TYR B 170 21.31 5.03 -16.40
C TYR B 170 22.30 4.35 -17.33
N ASP B 171 23.18 3.57 -16.73
CA ASP B 171 24.07 2.71 -17.52
C ASP B 171 23.43 1.46 -18.02
N LYS B 172 22.46 0.99 -17.26
CA LYS B 172 21.73 -0.20 -17.69
C LYS B 172 20.41 -0.35 -16.97
N ILE B 173 19.55 -1.16 -17.58
CA ILE B 173 18.16 -1.21 -17.17
C ILE B 173 17.83 -2.69 -17.09
N TYR B 174 17.10 -3.08 -16.04
CA TYR B 174 16.57 -4.44 -15.97
C TYR B 174 15.09 -4.35 -15.71
N TYR B 175 14.32 -5.31 -16.17
CA TYR B 175 12.87 -5.40 -15.93
C TYR B 175 12.56 -6.67 -15.16
N VAL B 176 12.04 -6.45 -13.96
CA VAL B 176 11.63 -7.59 -13.07
C VAL B 176 10.11 -7.58 -13.08
N GLY B 177 9.52 -8.64 -13.64
CA GLY B 177 8.08 -8.84 -13.59
C GLY B 177 7.77 -9.83 -12.47
N GLU B 178 6.88 -9.42 -11.57
CA GLU B 178 6.53 -10.31 -10.43
C GLU B 178 5.14 -10.86 -10.68
N GLN B 179 5.03 -12.18 -10.44
CA GLN B 179 3.80 -12.92 -10.79
C GLN B 179 3.32 -13.73 -9.60
N ASP B 180 2.07 -13.48 -9.23
CA ASP B 180 1.39 -14.36 -8.28
C ASP B 180 0.69 -15.49 -9.02
N PHE B 181 1.00 -16.71 -8.55
CA PHE B 181 0.30 -17.88 -9.15
C PHE B 181 -0.51 -18.60 -8.07
N TYR B 182 -1.58 -19.28 -8.55
CA TYR B 182 -2.55 -19.90 -7.67
C TYR B 182 -2.70 -21.39 -8.08
N VAL B 183 -1.83 -22.25 -7.58
CA VAL B 183 -1.80 -23.65 -8.13
C VAL B 183 -2.61 -24.56 -7.18
N PRO B 184 -3.64 -25.25 -7.76
CA PRO B 184 -4.50 -26.09 -6.91
C PRO B 184 -3.72 -27.29 -6.31
N ARG B 185 -4.12 -27.72 -5.12
N ARG B 185 -4.11 -27.72 -5.13
CA ARG B 185 -3.47 -28.84 -4.45
CA ARG B 185 -3.47 -28.85 -4.49
C ARG B 185 -4.48 -29.99 -4.37
C ARG B 185 -4.48 -30.01 -4.38
N ASP B 186 -3.95 -31.23 -4.32
CA ASP B 186 -4.74 -32.49 -4.03
C ASP B 186 -4.83 -32.68 -2.52
N GLU B 187 -5.44 -33.80 -2.10
CA GLU B 187 -5.60 -34.13 -0.65
C GLU B 187 -4.33 -34.31 0.17
N ASN B 188 -3.23 -34.66 -0.48
CA ASN B 188 -1.94 -34.70 0.20
C ASN B 188 -1.17 -33.39 0.26
N GLY B 189 -1.77 -32.30 -0.24
CA GLY B 189 -1.06 -31.01 -0.33
C GLY B 189 -0.04 -30.97 -1.46
N LYS B 190 -0.25 -31.82 -2.44
CA LYS B 190 0.65 -31.91 -3.58
C LYS B 190 -0.01 -31.16 -4.73
N TYR B 191 0.79 -30.36 -5.42
CA TYR B 191 0.23 -29.61 -6.54
C TYR B 191 -0.32 -30.49 -7.68
N LYS B 192 -1.45 -30.11 -8.20
CA LYS B 192 -2.08 -30.87 -9.28
C LYS B 192 -1.57 -30.53 -10.65
N LYS B 193 -1.70 -31.49 -11.55
CA LYS B 193 -1.32 -31.31 -12.95
C LYS B 193 -2.54 -31.52 -13.85
N TYR B 194 -2.60 -30.77 -14.94
CA TYR B 194 -3.70 -30.86 -15.87
C TYR B 194 -3.25 -30.97 -17.31
N GLU B 195 -4.13 -31.54 -18.15
CA GLU B 195 -3.83 -31.68 -19.58
C GLU B 195 -3.88 -30.44 -20.39
N ALA B 196 -4.94 -29.63 -20.25
CA ALA B 196 -5.06 -28.37 -20.99
C ALA B 196 -5.41 -27.22 -20.01
N PRO B 197 -5.21 -25.96 -20.44
CA PRO B 197 -5.51 -24.81 -19.59
C PRO B 197 -6.97 -24.90 -19.09
N GLY B 198 -7.90 -25.26 -19.99
CA GLY B 198 -9.33 -25.28 -19.67
C GLY B 198 -9.65 -26.15 -18.49
N ASP B 199 -8.98 -27.29 -18.40
CA ASP B 199 -9.22 -28.26 -17.34
C ASP B 199 -8.87 -27.73 -15.95
N ALA B 200 -8.02 -26.70 -15.87
CA ALA B 200 -7.50 -26.24 -14.57
C ALA B 200 -8.39 -25.14 -14.05
N TYR B 201 -9.25 -24.59 -14.91
CA TYR B 201 -10.02 -23.36 -14.63
C TYR B 201 -10.78 -23.39 -13.28
N GLU B 202 -11.70 -24.33 -13.12
CA GLU B 202 -12.53 -24.36 -11.89
C GLU B 202 -11.74 -24.48 -10.60
N ASP B 203 -10.75 -25.39 -10.56
CA ASP B 203 -9.95 -25.59 -9.36
C ASP B 203 -9.11 -24.28 -9.12
N THR B 204 -8.71 -23.61 -10.18
CA THR B 204 -7.77 -22.43 -9.98
C THR B 204 -8.63 -21.30 -9.43
N VAL B 205 -9.86 -21.14 -9.90
CA VAL B 205 -10.72 -20.01 -9.39
C VAL B 205 -10.97 -20.19 -7.91
N LYS B 206 -11.17 -21.43 -7.47
CA LYS B 206 -11.30 -21.72 -6.07
C LYS B 206 -10.10 -21.19 -5.23
N VAL B 207 -8.87 -21.38 -5.74
CA VAL B 207 -7.70 -20.91 -4.99
C VAL B 207 -7.65 -19.38 -5.11
N MET B 208 -8.00 -18.85 -6.27
CA MET B 208 -7.97 -17.38 -6.51
C MET B 208 -8.85 -16.69 -5.49
N ARG B 209 -10.02 -17.26 -5.23
CA ARG B 209 -10.95 -16.62 -4.28
C ARG B 209 -10.47 -16.55 -2.84
N THR B 210 -9.45 -17.34 -2.45
CA THR B 210 -8.84 -17.25 -1.13
C THR B 210 -7.89 -16.04 -1.00
N LEU B 211 -7.58 -15.45 -2.16
CA LEU B 211 -6.66 -14.29 -2.29
C LEU B 211 -5.25 -14.61 -1.79
N THR B 212 -4.88 -15.90 -1.71
CA THR B 212 -3.62 -16.27 -1.17
C THR B 212 -2.86 -17.07 -2.25
N PRO B 213 -1.80 -16.49 -2.86
CA PRO B 213 -1.08 -17.23 -3.88
C PRO B 213 -0.29 -18.36 -3.31
N THR B 214 -0.03 -19.40 -4.11
CA THR B 214 0.89 -20.42 -3.71
C THR B 214 2.34 -20.12 -3.97
N HIS B 215 2.57 -19.26 -5.01
CA HIS B 215 3.96 -18.95 -5.41
C HIS B 215 3.90 -17.52 -5.83
N VAL B 216 4.95 -16.77 -5.50
CA VAL B 216 5.03 -15.34 -5.95
C VAL B 216 6.48 -15.30 -6.51
N VAL B 217 6.63 -15.02 -7.82
CA VAL B 217 7.93 -15.30 -8.44
C VAL B 217 8.35 -14.09 -9.32
N PHE B 218 9.66 -13.99 -9.54
CA PHE B 218 10.17 -13.05 -10.52
C PHE B 218 10.59 -13.80 -11.76
N ASN B 219 10.27 -13.20 -12.93
CA ASN B 219 10.68 -13.86 -14.23
C ASN B 219 10.19 -15.29 -14.39
N GLY B 220 9.03 -15.56 -13.81
CA GLY B 220 8.33 -16.80 -14.17
C GLY B 220 8.65 -18.03 -13.36
N ALA B 221 9.59 -17.98 -12.41
CA ALA B 221 9.84 -19.19 -11.62
C ALA B 221 10.59 -18.85 -10.39
N VAL B 222 10.52 -19.75 -9.41
CA VAL B 222 11.35 -19.62 -8.19
C VAL B 222 12.81 -19.68 -8.60
N GLY B 223 13.64 -18.74 -8.10
CA GLY B 223 15.09 -18.78 -8.39
C GLY B 223 15.44 -18.40 -9.83
N ALA B 224 14.51 -17.91 -10.64
CA ALA B 224 14.82 -17.54 -12.06
C ALA B 224 15.96 -16.54 -12.21
N LEU B 225 16.14 -15.64 -11.25
CA LEU B 225 17.15 -14.59 -11.40
C LEU B 225 18.14 -14.74 -10.24
N THR B 226 18.57 -15.97 -10.02
CA THR B 226 19.63 -16.26 -8.99
C THR B 226 20.72 -17.11 -9.67
N GLY B 227 21.90 -17.26 -9.03
CA GLY B 227 23.00 -18.05 -9.62
C GLY B 227 23.61 -17.46 -10.85
N ASP B 228 23.80 -18.28 -11.88
CA ASP B 228 24.30 -17.85 -13.20
C ASP B 228 23.32 -16.94 -13.91
N LYS B 229 22.08 -16.87 -13.37
CA LYS B 229 21.09 -15.98 -13.94
C LYS B 229 20.89 -14.66 -13.13
N ALA B 230 21.74 -14.46 -12.14
CA ALA B 230 21.74 -13.19 -11.33
C ALA B 230 21.94 -11.99 -12.26
N MET B 231 21.32 -10.87 -11.95
CA MET B 231 21.61 -9.59 -12.70
C MET B 231 23.01 -9.12 -12.24
N THR B 232 23.68 -8.32 -13.10
CA THR B 232 25.06 -7.91 -12.77
C THR B 232 25.23 -6.41 -12.85
N ALA B 233 26.15 -5.90 -12.03
CA ALA B 233 26.53 -4.51 -12.21
C ALA B 233 27.94 -4.38 -11.61
N ALA B 234 28.39 -3.15 -11.58
CA ALA B 234 29.71 -2.78 -10.99
C ALA B 234 29.57 -1.61 -10.08
N VAL B 235 30.50 -1.50 -9.08
CA VAL B 235 30.61 -0.30 -8.32
C VAL B 235 30.67 0.95 -9.21
N GLY B 236 29.84 1.96 -8.89
CA GLY B 236 29.83 3.17 -9.73
C GLY B 236 28.81 3.13 -10.84
N GLU B 237 28.23 1.97 -11.17
CA GLU B 237 27.27 1.87 -12.26
C GLU B 237 25.86 2.31 -11.81
N LYS B 238 25.15 3.01 -12.70
CA LYS B 238 23.82 3.59 -12.39
C LYS B 238 22.86 2.58 -13.05
N VAL B 239 21.93 1.99 -12.27
CA VAL B 239 21.04 0.99 -12.81
C VAL B 239 19.60 1.42 -12.53
N LEU B 240 18.74 1.23 -13.53
CA LEU B 240 17.29 1.47 -13.37
C LEU B 240 16.65 0.10 -13.32
N ILE B 241 15.87 -0.15 -12.25
CA ILE B 241 15.15 -1.42 -12.16
C ILE B 241 13.68 -1.15 -12.31
N VAL B 242 13.04 -1.68 -13.38
CA VAL B 242 11.61 -1.48 -13.58
C VAL B 242 10.96 -2.73 -12.95
N HIS B 243 9.83 -2.53 -12.25
CA HIS B 243 9.19 -3.74 -11.58
C HIS B 243 7.70 -3.56 -11.86
N SER B 244 7.03 -4.65 -12.22
CA SER B 244 5.57 -4.58 -12.42
C SER B 244 4.88 -5.73 -11.64
N GLN B 245 3.63 -5.45 -11.33
CA GLN B 245 2.77 -6.53 -10.72
C GLN B 245 1.39 -6.14 -11.23
N ALA B 246 0.83 -6.99 -12.09
CA ALA B 246 -0.48 -6.66 -12.66
C ALA B 246 -1.69 -6.95 -11.84
N ASN B 247 -1.53 -7.63 -10.69
CA ASN B 247 -2.68 -8.07 -9.91
C ASN B 247 -2.58 -7.88 -8.44
N ARG B 248 -1.38 -7.78 -7.89
CA ARG B 248 -1.23 -7.85 -6.45
C ARG B 248 -0.15 -6.92 -6.00
N ASP B 249 -0.26 -6.32 -4.80
CA ASP B 249 0.77 -5.36 -4.36
C ASP B 249 2.10 -6.06 -4.18
N THR B 250 3.16 -5.25 -4.19
CA THR B 250 4.48 -5.70 -3.85
C THR B 250 5.25 -4.52 -3.22
N ARG B 251 6.33 -4.88 -2.55
CA ARG B 251 7.10 -3.88 -1.79
C ARG B 251 8.57 -4.21 -2.00
N PRO B 252 9.12 -3.73 -3.11
CA PRO B 252 10.51 -4.13 -3.41
C PRO B 252 11.57 -3.52 -2.50
N HIS B 253 12.68 -4.23 -2.33
CA HIS B 253 13.75 -3.72 -1.51
C HIS B 253 15.05 -4.35 -2.05
N LEU B 254 16.10 -3.53 -2.11
CA LEU B 254 17.38 -4.11 -2.46
C LEU B 254 18.19 -4.32 -1.19
N ILE B 255 18.43 -5.61 -0.83
CA ILE B 255 19.11 -5.88 0.41
C ILE B 255 20.61 -5.48 0.31
N GLY B 256 21.01 -4.49 1.12
CA GLY B 256 22.41 -3.99 1.11
C GLY B 256 22.44 -2.63 0.38
N GLY B 257 21.31 -2.27 -0.27
CA GLY B 257 21.26 -1.00 -1.02
C GLY B 257 20.07 -0.17 -0.67
N HIS B 258 19.69 0.70 -1.61
CA HIS B 258 18.55 1.64 -1.43
C HIS B 258 17.99 1.90 -2.83
N GLY B 259 16.87 2.59 -2.85
CA GLY B 259 16.41 3.22 -4.12
C GLY B 259 16.80 4.67 -3.98
N ASP B 260 17.82 5.13 -4.72
CA ASP B 260 18.20 6.55 -4.61
C ASP B 260 17.12 7.49 -5.15
N TYR B 261 16.50 7.16 -6.27
CA TYR B 261 15.33 7.91 -6.76
C TYR B 261 14.36 6.83 -7.11
N VAL B 262 13.14 6.95 -6.61
CA VAL B 262 12.13 5.87 -6.90
C VAL B 262 10.84 6.56 -7.37
N TRP B 263 10.42 6.20 -8.57
CA TRP B 263 9.10 6.64 -9.06
C TRP B 263 8.18 5.47 -8.67
N ALA B 264 7.69 5.51 -7.41
CA ALA B 264 6.98 4.35 -6.95
C ALA B 264 5.65 4.07 -7.61
N THR B 265 5.00 5.17 -8.05
CA THR B 265 3.81 5.23 -8.92
C THR B 265 4.13 4.92 -10.40
N GLY B 266 5.43 4.94 -10.74
CA GLY B 266 5.87 4.66 -12.10
C GLY B 266 5.73 5.84 -13.05
N LYS B 267 5.33 6.98 -12.59
CA LYS B 267 5.01 8.04 -13.61
C LYS B 267 6.00 9.22 -13.49
N PHE B 268 6.66 9.53 -14.65
CA PHE B 268 7.85 10.38 -14.52
C PHE B 268 7.55 11.85 -14.42
N ASN B 269 6.30 12.27 -14.55
CA ASN B 269 5.97 13.68 -14.20
C ASN B 269 5.62 13.83 -12.75
N THR B 270 5.58 12.71 -11.98
CA THR B 270 5.42 12.87 -10.52
C THR B 270 6.84 12.76 -9.94
N PRO B 271 7.29 13.73 -9.13
CA PRO B 271 8.69 13.69 -8.71
C PRO B 271 9.01 12.42 -7.91
N PRO B 272 10.21 11.92 -8.05
CA PRO B 272 10.57 10.65 -7.34
C PRO B 272 10.75 10.82 -5.87
N ASP B 273 10.50 9.80 -5.10
CA ASP B 273 10.88 9.77 -3.72
C ASP B 273 12.37 9.46 -3.68
N VAL B 274 13.04 9.82 -2.62
CA VAL B 274 14.45 9.61 -2.58
C VAL B 274 14.88 8.85 -1.32
N ASP B 275 16.04 8.19 -1.47
CA ASP B 275 16.69 7.49 -0.30
C ASP B 275 15.81 6.37 0.26
N GLN B 276 15.11 5.71 -0.64
CA GLN B 276 14.10 4.75 -0.13
C GLN B 276 14.74 3.45 0.35
N GLU B 277 14.22 2.89 1.47
CA GLU B 277 14.58 1.53 1.87
C GLU B 277 13.74 0.51 1.16
N THR B 278 12.42 0.68 1.17
CA THR B 278 11.46 -0.30 0.61
C THR B 278 10.39 0.59 0.03
N TRP B 279 10.01 0.32 -1.19
CA TRP B 279 9.01 1.12 -1.86
C TRP B 279 7.81 0.26 -2.15
N PHE B 280 6.69 0.87 -2.59
CA PHE B 280 5.44 0.09 -2.64
C PHE B 280 4.86 0.29 -4.00
N ILE B 281 4.55 -0.80 -4.70
CA ILE B 281 3.91 -0.72 -6.07
C ILE B 281 2.57 -1.46 -5.90
N PRO B 282 1.45 -0.78 -6.06
CA PRO B 282 0.16 -1.47 -5.92
C PRO B 282 -0.10 -2.37 -7.08
N GLY B 283 -0.87 -3.42 -6.84
CA GLY B 283 -1.30 -4.31 -7.93
C GLY B 283 -1.96 -3.53 -9.07
N GLY B 284 -1.54 -3.86 -10.29
CA GLY B 284 -2.01 -3.09 -11.45
C GLY B 284 -1.14 -1.94 -11.83
N ALA B 285 0.10 -1.91 -11.30
CA ALA B 285 0.98 -0.78 -11.67
C ALA B 285 2.38 -1.28 -11.86
N ALA B 286 3.17 -0.39 -12.50
CA ALA B 286 4.65 -0.62 -12.57
C ALA B 286 5.36 0.54 -11.87
N GLY B 287 6.54 0.28 -11.32
CA GLY B 287 7.35 1.34 -10.70
C GLY B 287 8.78 1.22 -11.19
N ALA B 288 9.58 2.22 -10.88
CA ALA B 288 11.02 2.17 -11.31
C ALA B 288 11.88 2.85 -10.26
N ALA B 289 13.03 2.22 -10.03
CA ALA B 289 13.96 2.72 -9.01
C ALA B 289 15.33 2.81 -9.68
N PHE B 290 16.02 3.89 -9.33
CA PHE B 290 17.34 4.16 -9.83
C PHE B 290 18.32 4.09 -8.64
N TYR B 291 19.45 3.40 -8.86
CA TYR B 291 20.43 3.33 -7.82
C TYR B 291 21.84 3.30 -8.42
N THR B 292 22.75 3.97 -7.75
CA THR B 292 24.21 3.79 -8.06
C THR B 292 24.85 2.88 -7.06
N PHE B 293 25.39 1.74 -7.53
CA PHE B 293 26.02 0.77 -6.62
C PHE B 293 27.31 1.38 -6.00
N GLN B 294 27.51 1.20 -4.70
N GLN B 294 27.49 1.22 -4.69
CA GLN B 294 28.69 1.74 -4.03
CA GLN B 294 28.70 1.74 -4.02
C GLN B 294 29.51 0.70 -3.33
C GLN B 294 29.59 0.65 -3.48
N GLN B 295 29.04 -0.55 -3.31
CA GLN B 295 29.79 -1.66 -2.69
C GLN B 295 29.65 -2.91 -3.55
N PRO B 296 30.74 -3.71 -3.63
CA PRO B 296 30.71 -4.97 -4.39
C PRO B 296 30.06 -6.05 -3.60
N GLY B 297 29.74 -7.13 -4.24
CA GLY B 297 29.28 -8.36 -3.56
C GLY B 297 27.90 -8.78 -4.05
N ILE B 298 27.25 -9.70 -3.32
CA ILE B 298 25.94 -10.23 -3.74
C ILE B 298 24.93 -9.34 -3.03
N TYR B 299 23.91 -8.99 -3.79
CA TYR B 299 22.79 -8.30 -3.20
C TYR B 299 21.57 -9.18 -3.44
N ALA B 300 20.56 -9.14 -2.57
CA ALA B 300 19.30 -9.75 -2.99
C ALA B 300 18.23 -8.66 -3.17
N TYR B 301 17.38 -8.84 -4.15
CA TYR B 301 16.33 -7.90 -4.47
C TYR B 301 15.06 -8.69 -4.20
N VAL B 302 14.25 -8.19 -3.26
CA VAL B 302 13.11 -8.94 -2.78
C VAL B 302 11.82 -8.13 -2.68
N ASN B 303 10.72 -8.84 -2.65
CA ASN B 303 9.47 -8.32 -2.12
C ASN B 303 9.61 -8.41 -0.58
N HIS B 304 9.51 -7.28 0.14
CA HIS B 304 9.86 -7.35 1.57
C HIS B 304 8.66 -7.73 2.48
N ASN B 305 7.66 -8.46 1.92
CA ASN B 305 6.99 -9.46 2.84
C ASN B 305 7.89 -10.66 2.70
N LEU B 306 8.67 -10.84 3.76
CA LEU B 306 9.78 -11.79 3.66
C LEU B 306 9.26 -13.25 3.58
N ILE B 307 8.00 -13.49 3.96
CA ILE B 307 7.39 -14.82 3.65
C ILE B 307 7.22 -14.95 2.17
N GLU B 308 6.73 -13.92 1.47
N GLU B 308 6.68 -13.92 1.49
CA GLU B 308 6.55 -13.98 0.01
CA GLU B 308 6.55 -13.98 0.04
C GLU B 308 7.92 -14.07 -0.66
C GLU B 308 7.95 -14.14 -0.58
N ALA B 309 8.94 -13.38 -0.08
CA ALA B 309 10.29 -13.51 -0.71
C ALA B 309 10.94 -14.86 -0.57
N PHE B 310 11.02 -15.40 0.66
CA PHE B 310 11.89 -16.53 0.93
C PHE B 310 11.10 -17.80 1.03
N GLU B 311 9.79 -17.72 1.25
CA GLU B 311 9.00 -18.97 1.23
C GLU B 311 8.28 -19.16 -0.06
N LEU B 312 7.81 -18.06 -0.69
CA LEU B 312 6.94 -18.25 -1.88
C LEU B 312 7.69 -17.95 -3.18
N GLY B 313 8.91 -17.35 -3.10
CA GLY B 313 9.67 -17.24 -4.37
C GLY B 313 10.17 -15.91 -4.81
N ALA B 314 9.73 -14.86 -4.14
CA ALA B 314 10.00 -13.50 -4.73
C ALA B 314 11.34 -12.92 -4.29
N ALA B 315 12.44 -13.55 -4.75
CA ALA B 315 13.80 -13.07 -4.51
C ALA B 315 14.66 -13.25 -5.74
N ALA B 316 15.46 -12.22 -6.03
CA ALA B 316 16.46 -12.28 -7.11
C ALA B 316 17.81 -11.84 -6.55
N HIS B 317 18.90 -12.07 -7.35
CA HIS B 317 20.25 -11.62 -6.91
C HIS B 317 20.82 -10.68 -7.87
N PHE B 318 21.66 -9.80 -7.34
CA PHE B 318 22.61 -9.00 -8.17
C PHE B 318 23.99 -9.38 -7.73
N LYS B 319 24.88 -9.59 -8.71
CA LYS B 319 26.30 -9.78 -8.42
C LYS B 319 27.09 -8.55 -8.88
N VAL B 320 27.80 -7.92 -7.97
CA VAL B 320 28.37 -6.53 -8.27
C VAL B 320 29.87 -6.62 -8.10
N THR B 321 30.63 -6.22 -9.15
CA THR B 321 32.07 -6.33 -9.05
C THR B 321 32.68 -5.00 -8.60
N GLY B 322 33.81 -5.04 -8.00
CA GLY B 322 34.50 -3.80 -7.63
C GLY B 322 35.14 -3.87 -6.27
N GLU B 323 35.62 -2.71 -5.81
CA GLU B 323 36.34 -2.71 -4.55
C GLU B 323 35.49 -2.32 -3.35
N TRP B 324 35.83 -2.92 -2.22
CA TRP B 324 35.05 -2.65 -1.00
C TRP B 324 35.40 -1.34 -0.44
N ASN B 325 34.41 -0.63 0.10
CA ASN B 325 34.65 0.71 0.70
C ASN B 325 34.49 0.56 2.20
N ASP B 326 35.59 0.61 2.97
CA ASP B 326 35.52 0.48 4.46
C ASP B 326 35.00 1.71 5.14
N ASP B 327 35.00 2.85 4.47
CA ASP B 327 34.41 4.04 5.10
C ASP B 327 32.86 3.80 5.23
N LEU B 328 32.25 3.22 4.21
CA LEU B 328 30.78 2.98 4.27
C LEU B 328 30.45 1.87 5.23
N MET B 329 31.28 0.84 5.35
CA MET B 329 30.99 -0.27 6.29
C MET B 329 32.25 -1.07 6.52
N THR B 330 32.50 -1.47 7.75
CA THR B 330 33.62 -2.32 8.01
C THR B 330 33.39 -3.20 9.22
N SER B 331 33.94 -4.39 9.18
CA SER B 331 33.86 -5.27 10.34
C SER B 331 35.01 -4.94 11.25
N VAL B 332 34.72 -4.37 12.40
CA VAL B 332 35.74 -3.91 13.37
C VAL B 332 36.21 -5.14 14.10
N LEU B 333 35.30 -6.05 14.41
CA LEU B 333 35.65 -7.34 15.09
C LEU B 333 34.79 -8.38 14.43
N ALA B 334 35.43 -9.34 13.75
CA ALA B 334 34.72 -10.42 13.11
C ALA B 334 34.20 -11.33 14.21
N PRO B 335 33.13 -12.10 13.86
CA PRO B 335 32.52 -13.04 14.80
C PRO B 335 33.59 -13.84 15.56
N SER B 336 33.58 -13.77 16.88
CA SER B 336 34.64 -14.39 17.70
C SER B 336 34.11 -14.70 19.06
N GLY B 337 34.74 -15.66 19.75
CA GLY B 337 34.31 -16.06 21.10
C GLY B 337 34.40 -14.98 22.18
N THR B 338 33.47 -15.04 23.17
CA THR B 338 33.29 -14.11 24.35
C THR B 338 34.16 -14.28 25.64
N ALA C 2 36.97 12.12 4.15
CA ALA C 2 37.96 12.17 5.25
C ALA C 2 39.15 11.22 4.97
N THR C 3 40.33 11.66 5.42
CA THR C 3 41.48 10.74 5.53
C THR C 3 41.23 9.64 6.59
N ALA C 4 41.97 8.56 6.38
CA ALA C 4 42.10 7.53 7.35
C ALA C 4 42.37 8.07 8.80
N ALA C 5 43.31 9.02 8.96
CA ALA C 5 43.63 9.59 10.31
C ALA C 5 42.40 10.38 10.84
N GLU C 6 41.68 11.04 9.94
CA GLU C 6 40.47 11.81 10.31
C GLU C 6 39.37 10.91 10.94
N ILE C 7 39.10 9.80 10.26
CA ILE C 7 38.10 8.83 10.68
C ILE C 7 38.54 8.24 12.03
N ALA C 8 39.83 7.94 12.15
CA ALA C 8 40.37 7.34 13.36
C ALA C 8 40.32 8.28 14.59
N ALA C 9 40.33 9.58 14.31
CA ALA C 9 40.33 10.67 15.31
C ALA C 9 38.94 11.13 15.76
N LEU C 10 37.85 10.62 15.16
CA LEU C 10 36.57 11.18 15.50
C LEU C 10 36.22 10.87 16.95
N PRO C 11 35.47 11.74 17.58
CA PRO C 11 35.05 11.45 18.95
C PRO C 11 34.11 10.25 18.99
N ARG C 12 34.11 9.56 20.11
CA ARG C 12 33.29 8.35 20.32
C ARG C 12 32.31 8.72 21.37
N GLN C 13 31.11 8.16 21.27
CA GLN C 13 30.12 8.45 22.32
C GLN C 13 29.41 7.16 22.52
N LYS C 14 29.33 6.72 23.76
CA LYS C 14 28.72 5.47 24.14
C LYS C 14 27.28 5.84 24.57
N VAL C 15 26.26 5.15 24.07
CA VAL C 15 24.87 5.52 24.40
C VAL C 15 24.22 4.31 25.08
N GLU C 16 23.51 4.53 26.22
CA GLU C 16 22.77 3.45 26.88
C GLU C 16 21.37 3.44 26.27
N LEU C 17 20.98 2.27 25.78
CA LEU C 17 19.68 2.12 25.15
C LEU C 17 18.57 2.09 26.18
N VAL C 18 17.38 2.42 25.73
CA VAL C 18 16.18 2.28 26.58
C VAL C 18 15.12 1.48 25.84
N ASP C 19 14.27 0.81 26.55
CA ASP C 19 13.28 -0.07 25.91
C ASP C 19 12.17 0.75 25.26
N PRO C 20 11.61 0.23 24.15
CA PRO C 20 10.47 0.89 23.51
C PRO C 20 9.25 0.87 24.46
N PRO C 21 8.35 1.82 24.35
CA PRO C 21 8.31 2.85 23.31
C PRO C 21 9.15 4.05 23.53
N PHE C 22 9.90 4.06 24.63
CA PHE C 22 10.75 5.23 24.90
C PHE C 22 12.01 5.20 24.06
N VAL C 23 12.72 6.37 24.00
CA VAL C 23 13.92 6.52 23.14
C VAL C 23 15.01 7.10 23.97
N HIS C 24 16.25 6.66 23.72
CA HIS C 24 17.42 7.22 24.44
C HIS C 24 17.55 8.70 24.20
N ALA C 25 18.22 9.37 25.18
CA ALA C 25 18.39 10.81 25.06
C ALA C 25 19.25 11.12 23.82
N HIS C 26 18.87 12.20 23.13
CA HIS C 26 19.62 12.58 21.95
C HIS C 26 19.29 14.05 21.72
N SER C 27 20.07 14.67 20.83
CA SER C 27 19.79 16.01 20.42
C SER C 27 19.20 16.05 19.04
N GLN C 28 18.20 16.86 18.74
CA GLN C 28 17.65 16.94 17.38
C GLN C 28 18.63 17.53 16.42
N VAL C 29 19.16 18.70 16.79
CA VAL C 29 20.15 19.36 15.98
C VAL C 29 21.52 18.77 16.42
N ALA C 30 22.43 18.38 15.51
CA ALA C 30 23.66 17.68 16.00
C ALA C 30 24.52 18.70 16.72
N GLU C 31 25.27 18.26 17.71
CA GLU C 31 26.12 19.14 18.49
C GLU C 31 27.50 18.82 18.06
N GLY C 32 28.04 19.67 17.22
CA GLY C 32 29.37 19.44 16.72
C GLY C 32 29.43 18.55 15.50
N GLY C 33 30.59 17.99 15.25
CA GLY C 33 30.86 17.39 13.95
C GLY C 33 30.48 15.89 14.02
N PRO C 34 30.74 15.14 12.94
CA PRO C 34 30.40 13.69 13.00
C PRO C 34 31.13 12.95 14.12
N LYS C 35 30.46 11.91 14.67
CA LYS C 35 31.03 11.08 15.68
C LYS C 35 30.87 9.63 15.36
N VAL C 36 31.54 8.80 16.15
CA VAL C 36 31.28 7.34 16.07
C VAL C 36 30.39 7.10 17.30
N VAL C 37 29.11 6.72 17.06
CA VAL C 37 28.13 6.51 18.13
C VAL C 37 28.10 5.00 18.46
N GLU C 38 28.43 4.63 19.70
CA GLU C 38 28.59 3.20 20.05
C GLU C 38 27.40 2.67 20.79
N PHE C 39 26.90 1.53 20.35
CA PHE C 39 25.79 0.83 20.96
C PHE C 39 26.16 -0.63 21.21
N THR C 40 25.63 -1.24 22.26
CA THR C 40 25.84 -2.67 22.50
C THR C 40 24.43 -3.27 22.66
N MET C 41 24.19 -4.39 22.00
CA MET C 41 22.94 -5.14 22.24
C MET C 41 23.25 -6.61 22.45
N VAL C 42 22.57 -7.22 23.41
CA VAL C 42 22.64 -8.65 23.63
C VAL C 42 21.38 -9.29 23.06
N ILE C 43 21.49 -10.43 22.40
CA ILE C 43 20.31 -11.10 21.83
C ILE C 43 19.78 -12.06 22.91
N GLU C 44 18.46 -12.08 23.07
CA GLU C 44 17.86 -13.07 24.00
C GLU C 44 16.82 -13.85 23.33
N GLU C 45 16.88 -15.17 23.40
CA GLU C 45 15.81 -16.02 22.93
C GLU C 45 15.03 -16.34 24.22
N LYS C 46 13.77 -16.06 24.22
CA LYS C 46 12.98 -16.19 25.49
C LYS C 46 11.53 -16.42 25.15
N LYS C 47 10.79 -17.08 26.05
CA LYS C 47 9.35 -17.23 25.86
C LYS C 47 8.66 -16.01 26.38
N ILE C 48 7.73 -15.49 25.60
CA ILE C 48 6.93 -14.34 26.00
C ILE C 48 5.50 -14.69 25.86
N VAL C 49 4.67 -14.00 26.60
CA VAL C 49 3.22 -14.19 26.53
C VAL C 49 2.68 -12.99 25.78
N ILE C 50 1.88 -13.23 24.75
CA ILE C 50 1.50 -12.15 23.84
C ILE C 50 0.03 -11.77 23.83
N ASP C 51 -0.78 -12.48 24.59
CA ASP C 51 -2.22 -12.05 24.69
C ASP C 51 -2.78 -12.42 26.05
N ASP C 52 -4.10 -12.25 26.19
CA ASP C 52 -4.72 -12.40 27.53
C ASP C 52 -5.06 -13.78 27.83
N ALA C 53 -4.96 -14.64 26.85
CA ALA C 53 -5.24 -16.03 26.98
C ALA C 53 -4.01 -16.83 27.33
N GLY C 54 -2.88 -16.18 27.68
CA GLY C 54 -1.63 -16.93 27.94
C GLY C 54 -0.88 -17.55 26.74
N THR C 55 -1.16 -17.08 25.51
CA THR C 55 -0.48 -17.62 24.36
C THR C 55 1.00 -17.23 24.39
N GLU C 56 1.84 -18.23 24.21
CA GLU C 56 3.28 -18.10 24.26
C GLU C 56 3.85 -18.06 22.88
N VAL C 57 4.98 -17.37 22.73
N VAL C 57 5.00 -17.42 22.74
CA VAL C 57 5.86 -17.48 21.53
CA VAL C 57 5.84 -17.71 21.60
C VAL C 57 7.30 -17.58 22.04
C VAL C 57 7.28 -17.62 22.04
N HIS C 58 8.15 -18.35 21.34
CA HIS C 58 9.60 -18.22 21.57
C HIS C 58 10.11 -17.01 20.75
N ALA C 59 10.31 -15.93 21.44
CA ALA C 59 10.70 -14.65 20.79
C ALA C 59 12.21 -14.70 20.61
N MET C 60 12.68 -14.00 19.59
CA MET C 60 14.10 -13.84 19.38
C MET C 60 14.36 -12.31 19.43
N ALA C 61 14.98 -11.79 20.49
CA ALA C 61 14.74 -10.38 20.84
C ALA C 61 16.08 -9.66 20.94
N PHE C 62 16.26 -8.60 20.11
CA PHE C 62 17.40 -7.73 20.31
C PHE C 62 17.21 -6.97 21.60
N ASN C 63 18.20 -7.10 22.53
CA ASN C 63 18.19 -6.38 23.80
C ASN C 63 17.05 -6.87 24.67
N GLY C 64 16.44 -8.02 24.36
CA GLY C 64 15.42 -8.53 25.22
C GLY C 64 14.01 -8.04 25.00
N THR C 65 13.84 -7.17 24.00
CA THR C 65 12.49 -6.61 23.75
C THR C 65 12.01 -6.79 22.33
N VAL C 66 10.68 -6.82 22.17
CA VAL C 66 10.05 -6.87 20.82
C VAL C 66 9.22 -5.58 20.76
N PRO C 67 9.55 -4.61 19.92
CA PRO C 67 10.65 -4.59 18.96
C PRO C 67 11.97 -4.36 19.72
N GLY C 68 13.08 -4.51 19.02
CA GLY C 68 14.35 -4.08 19.54
C GLY C 68 14.31 -2.55 19.70
N PRO C 69 15.25 -1.97 20.43
CA PRO C 69 15.21 -0.55 20.72
C PRO C 69 15.56 0.33 19.54
N LEU C 70 15.11 1.58 19.62
CA LEU C 70 15.44 2.57 18.63
C LEU C 70 16.81 3.15 18.87
N MET C 71 17.67 3.17 17.84
CA MET C 71 18.98 3.87 18.01
C MET C 71 18.88 5.14 17.19
N VAL C 72 19.41 6.24 17.76
CA VAL C 72 19.32 7.55 17.08
C VAL C 72 20.78 8.07 16.83
N VAL C 73 21.02 8.40 15.57
CA VAL C 73 22.34 9.07 15.19
C VAL C 73 21.96 10.15 14.27
N HIS C 74 22.95 10.89 13.81
CA HIS C 74 22.73 11.92 12.82
C HIS C 74 23.42 11.57 11.49
N GLN C 75 22.95 12.17 10.42
CA GLN C 75 23.53 11.93 9.11
C GLN C 75 25.04 12.18 9.10
N ASP C 76 25.74 11.18 8.58
CA ASP C 76 27.21 11.11 8.46
C ASP C 76 27.93 10.83 9.73
N ASP C 77 27.21 10.53 10.82
CA ASP C 77 27.86 9.84 11.90
C ASP C 77 28.15 8.39 11.48
N TYR C 78 28.96 7.71 12.26
CA TYR C 78 29.17 6.27 12.10
C TYR C 78 28.47 5.62 13.25
N LEU C 79 27.74 4.54 12.99
CA LEU C 79 27.13 3.76 14.07
C LEU C 79 28.01 2.52 14.25
N GLU C 80 28.46 2.23 15.48
CA GLU C 80 29.33 1.11 15.73
C GLU C 80 28.58 0.27 16.74
N LEU C 81 28.09 -0.88 16.29
CA LEU C 81 27.32 -1.81 17.14
C LEU C 81 28.16 -2.96 17.59
N THR C 82 28.17 -3.24 18.88
CA THR C 82 28.65 -4.50 19.42
C THR C 82 27.43 -5.40 19.61
N LEU C 83 27.41 -6.55 18.97
CA LEU C 83 26.26 -7.45 18.99
C LEU C 83 26.75 -8.75 19.65
N ILE C 84 26.06 -9.19 20.68
CA ILE C 84 26.49 -10.34 21.46
C ILE C 84 25.43 -11.43 21.43
N ASN C 85 25.81 -12.68 21.20
CA ASN C 85 24.90 -13.80 21.19
C ASN C 85 25.37 -14.75 22.29
N PRO C 86 24.70 -14.71 23.43
CA PRO C 86 25.20 -15.50 24.61
C PRO C 86 25.13 -16.97 24.37
N GLU C 87 26.03 -17.64 25.11
CA GLU C 87 26.09 -19.10 25.02
C GLU C 87 24.83 -19.85 25.39
N THR C 88 23.89 -19.21 26.06
CA THR C 88 22.62 -19.82 26.40
C THR C 88 21.56 -19.83 25.32
N ASN C 89 21.78 -19.07 24.26
CA ASN C 89 20.88 -19.24 23.09
C ASN C 89 21.22 -20.46 22.25
N THR C 90 20.34 -20.80 21.33
CA THR C 90 20.43 -22.02 20.52
C THR C 90 20.70 -21.79 19.08
N LEU C 91 20.46 -20.56 18.60
CA LEU C 91 20.52 -20.32 17.16
C LEU C 91 21.60 -19.25 16.78
N MET C 92 22.08 -19.34 15.55
CA MET C 92 22.97 -18.24 15.02
C MET C 92 22.02 -17.06 14.69
N HIS C 93 22.52 -15.86 14.90
CA HIS C 93 21.80 -14.66 14.54
C HIS C 93 22.72 -13.67 13.86
N ASN C 94 22.16 -12.67 13.23
CA ASN C 94 22.97 -11.57 12.68
C ASN C 94 22.12 -10.30 12.63
N ILE C 95 22.61 -9.25 11.94
CA ILE C 95 21.77 -8.05 11.88
C ILE C 95 21.93 -7.43 10.47
N ASP C 96 20.81 -6.99 9.86
CA ASP C 96 20.81 -6.22 8.59
C ASP C 96 20.22 -4.88 8.97
N PHE C 97 20.98 -3.79 8.79
CA PHE C 97 20.43 -2.47 8.89
C PHE C 97 20.06 -1.95 7.55
N HIS C 98 18.79 -1.63 7.36
CA HIS C 98 18.36 -1.06 6.10
C HIS C 98 19.02 0.32 5.90
N ALA C 99 19.56 0.89 6.95
CA ALA C 99 20.21 2.19 6.79
C ALA C 99 21.60 2.08 6.17
N ALA C 100 22.17 0.90 6.16
CA ALA C 100 23.59 0.71 5.82
C ALA C 100 23.75 0.27 4.38
N THR C 101 24.96 0.52 3.86
CA THR C 101 25.23 0.15 2.44
C THR C 101 26.35 -0.92 2.39
N GLY C 102 25.96 -2.06 1.85
CA GLY C 102 26.90 -3.15 1.64
C GLY C 102 26.56 -4.41 2.47
N ALA C 103 27.15 -5.50 1.97
CA ALA C 103 27.13 -6.83 2.71
C ALA C 103 25.75 -7.13 3.32
N LEU C 104 24.73 -7.05 2.47
CA LEU C 104 23.36 -7.39 2.85
C LEU C 104 22.91 -6.57 4.08
N GLY C 105 23.33 -5.29 4.15
CA GLY C 105 22.98 -4.45 5.32
C GLY C 105 23.81 -4.71 6.55
N GLY C 106 24.87 -5.46 6.40
CA GLY C 106 25.69 -5.91 7.51
C GLY C 106 25.49 -7.38 7.85
N GLY C 107 24.46 -7.96 7.28
CA GLY C 107 24.12 -9.33 7.59
C GLY C 107 25.24 -10.31 7.28
N GLY C 108 25.92 -10.06 6.18
CA GLY C 108 27.03 -10.92 5.78
C GLY C 108 28.21 -10.88 6.71
N LEU C 109 28.34 -9.84 7.55
CA LEU C 109 29.53 -9.63 8.36
C LEU C 109 29.29 -9.87 9.82
N THR C 110 28.03 -10.23 10.19
CA THR C 110 27.67 -10.27 11.61
C THR C 110 27.04 -11.64 12.02
N GLU C 111 27.31 -12.74 11.31
CA GLU C 111 26.73 -14.03 11.69
C GLU C 111 27.43 -14.58 12.89
N ILE C 112 26.74 -14.58 14.03
CA ILE C 112 27.35 -15.02 15.29
C ILE C 112 26.62 -16.20 15.85
N ASN C 113 27.39 -17.25 16.15
CA ASN C 113 26.83 -18.42 16.84
C ASN C 113 26.73 -18.11 18.32
N PRO C 114 25.93 -18.88 19.07
CA PRO C 114 25.90 -18.73 20.50
C PRO C 114 27.33 -18.79 21.10
N GLY C 115 27.62 -17.85 21.96
CA GLY C 115 28.98 -17.67 22.50
C GLY C 115 29.87 -16.77 21.71
N GLU C 116 29.33 -16.11 20.70
CA GLU C 116 30.17 -15.17 19.92
C GLU C 116 29.67 -13.74 19.97
N LYS C 117 30.57 -12.78 19.70
CA LYS C 117 30.21 -11.34 19.50
C LYS C 117 30.87 -10.80 18.25
N THR C 118 30.36 -9.68 17.77
CA THR C 118 30.96 -9.05 16.62
C THR C 118 30.79 -7.55 16.78
N ILE C 119 31.59 -6.73 16.11
CA ILE C 119 31.43 -5.29 16.13
C ILE C 119 31.43 -4.88 14.66
N LEU C 120 30.34 -4.23 14.28
CA LEU C 120 30.12 -3.68 12.92
C LEU C 120 30.09 -2.18 12.98
N ARG C 121 30.73 -1.46 12.00
CA ARG C 121 30.60 -0.04 11.93
C ARG C 121 30.10 0.31 10.51
N PHE C 122 29.16 1.22 10.43
CA PHE C 122 28.74 1.67 9.10
C PHE C 122 28.48 3.18 9.20
N LYS C 123 28.59 3.87 8.06
CA LYS C 123 28.37 5.29 7.98
C LYS C 123 26.90 5.55 7.64
N ALA C 124 26.25 6.40 8.43
CA ALA C 124 24.79 6.64 8.20
C ALA C 124 24.62 7.77 7.17
N THR C 125 24.71 7.38 5.93
CA THR C 125 24.74 8.35 4.84
C THR C 125 23.40 8.91 4.44
N LYS C 126 22.25 8.31 4.81
CA LYS C 126 20.97 8.81 4.33
C LYS C 126 20.06 9.06 5.53
N PRO C 127 19.42 10.22 5.63
CA PRO C 127 18.58 10.52 6.80
C PRO C 127 17.15 9.90 6.71
N GLY C 128 16.66 9.46 7.82
CA GLY C 128 15.32 8.82 7.78
C GLY C 128 15.26 7.90 8.97
N VAL C 129 14.07 7.28 9.06
CA VAL C 129 13.92 6.13 9.96
C VAL C 129 14.00 4.87 9.07
N PHE C 130 14.65 3.85 9.59
CA PHE C 130 14.91 2.62 8.84
C PHE C 130 14.74 1.40 9.71
N VAL C 131 14.25 0.33 9.11
CA VAL C 131 14.14 -0.93 9.84
C VAL C 131 15.51 -1.58 9.99
N TYR C 132 15.70 -2.29 11.12
CA TYR C 132 16.82 -3.28 11.16
C TYR C 132 16.18 -4.64 11.54
N HIS C 133 16.83 -5.73 11.12
CA HIS C 133 16.26 -7.03 11.52
C HIS C 133 17.31 -8.09 11.34
N CYS C 134 17.07 -9.21 12.03
CA CYS C 134 17.90 -10.37 11.81
C CYS C 134 17.63 -11.00 10.44
N ALA C 135 18.62 -11.66 9.84
CA ALA C 135 18.37 -12.31 8.52
C ALA C 135 19.39 -13.39 8.26
N PRO C 136 19.24 -14.51 9.00
CA PRO C 136 20.29 -15.58 8.77
C PRO C 136 19.92 -16.31 7.50
N PRO C 137 20.92 -16.66 6.69
CA PRO C 137 20.57 -17.32 5.42
C PRO C 137 19.72 -18.58 5.60
N GLY C 138 18.70 -18.65 4.77
CA GLY C 138 17.79 -19.78 4.80
C GLY C 138 16.73 -19.73 5.87
N MET C 139 16.79 -18.78 6.79
CA MET C 139 15.82 -18.69 7.87
C MET C 139 15.35 -17.27 8.14
N VAL C 140 15.42 -16.46 7.11
CA VAL C 140 15.14 -15.02 7.33
C VAL C 140 13.75 -14.73 7.87
N PRO C 141 12.65 -15.21 7.24
CA PRO C 141 11.36 -14.74 7.75
C PRO C 141 11.14 -15.27 9.16
N TRP C 142 11.56 -16.49 9.45
CA TRP C 142 11.30 -17.06 10.75
C TRP C 142 11.94 -16.21 11.89
N HIS C 143 13.14 -15.64 11.71
CA HIS C 143 13.67 -14.80 12.76
C HIS C 143 12.87 -13.46 12.87
N VAL C 144 12.56 -12.86 11.69
CA VAL C 144 11.81 -11.60 11.69
C VAL C 144 10.44 -11.70 12.37
N VAL C 145 9.70 -12.77 12.05
CA VAL C 145 8.31 -12.87 12.60
C VAL C 145 8.35 -13.50 14.01
N SER C 146 9.53 -13.85 14.52
CA SER C 146 9.73 -14.21 15.96
C SER C 146 10.10 -12.96 16.75
N GLY C 147 10.05 -11.77 16.16
CA GLY C 147 10.28 -10.49 16.88
C GLY C 147 11.64 -9.86 16.68
N MET C 148 12.48 -10.42 15.83
CA MET C 148 13.90 -9.98 15.83
C MET C 148 14.04 -8.82 14.81
N ASN C 149 13.50 -7.67 15.23
CA ASN C 149 13.53 -6.47 14.34
C ASN C 149 13.31 -5.25 15.23
N GLY C 150 13.73 -4.10 14.68
CA GLY C 150 13.61 -2.81 15.39
C GLY C 150 13.75 -1.73 14.34
N ALA C 151 14.17 -0.55 14.77
CA ALA C 151 14.36 0.55 13.79
C ALA C 151 15.49 1.44 14.30
N ILE C 152 16.07 2.23 13.37
CA ILE C 152 17.02 3.30 13.82
C ILE C 152 16.49 4.61 13.19
N MET C 153 16.89 5.75 13.76
CA MET C 153 16.54 7.03 13.19
C MET C 153 17.86 7.73 12.90
N VAL C 154 18.03 8.20 11.65
CA VAL C 154 19.21 9.01 11.32
C VAL C 154 18.63 10.40 11.07
N LEU C 155 18.83 11.30 12.04
CA LEU C 155 18.32 12.62 11.87
C LEU C 155 19.22 13.49 10.96
N PRO C 156 18.65 14.41 10.18
CA PRO C 156 19.48 15.42 9.46
C PRO C 156 20.30 16.12 10.55
N ARG C 157 21.50 16.53 10.18
CA ARG C 157 22.31 17.25 11.13
C ARG C 157 21.65 18.53 11.61
N GLU C 158 20.85 19.17 10.77
CA GLU C 158 20.13 20.37 11.28
C GLU C 158 18.75 20.08 11.85
N GLY C 159 18.44 18.82 12.24
CA GLY C 159 17.10 18.51 12.79
C GLY C 159 16.04 18.42 11.69
N LEU C 160 14.79 18.19 12.07
CA LEU C 160 13.74 18.02 11.06
C LEU C 160 13.26 19.32 10.47
N HIS C 161 12.77 19.28 9.22
CA HIS C 161 12.13 20.45 8.61
C HIS C 161 10.97 20.00 7.79
N ASP C 162 10.06 20.93 7.49
CA ASP C 162 8.95 20.61 6.65
C ASP C 162 9.36 20.69 5.20
N GLY C 163 8.38 20.61 4.31
CA GLY C 163 8.62 20.70 2.86
C GLY C 163 9.21 22.05 2.46
N LYS C 164 8.87 23.09 3.22
CA LYS C 164 9.25 24.47 2.90
C LYS C 164 10.42 25.01 3.69
N GLY C 165 11.21 24.11 4.22
CA GLY C 165 12.40 24.41 5.03
C GLY C 165 12.15 25.08 6.38
N LYS C 166 10.92 25.04 6.92
CA LYS C 166 10.63 25.50 8.28
C LYS C 166 11.01 24.39 9.33
N ALA C 167 11.70 24.72 10.43
CA ALA C 167 12.13 23.72 11.46
C ALA C 167 10.92 23.06 12.15
N LEU C 168 11.00 21.75 12.41
CA LEU C 168 9.99 21.07 13.16
C LEU C 168 10.70 20.48 14.35
N THR C 169 10.32 20.86 15.56
CA THR C 169 11.03 20.41 16.77
C THR C 169 10.03 19.69 17.63
N TYR C 170 10.27 18.40 17.93
CA TYR C 170 9.31 17.70 18.75
C TYR C 170 9.65 17.84 20.21
N ASP C 171 8.62 17.72 21.04
CA ASP C 171 8.76 17.68 22.48
C ASP C 171 8.98 16.29 23.01
N LYS C 172 8.32 15.33 22.35
CA LYS C 172 8.38 13.92 22.82
C LYS C 172 8.46 13.08 21.55
N ILE C 173 9.06 11.90 21.75
CA ILE C 173 9.18 10.92 20.61
C ILE C 173 8.83 9.59 21.20
N TYR C 174 7.99 8.81 20.46
CA TYR C 174 7.75 7.43 20.89
C TYR C 174 8.03 6.50 19.68
N TYR C 175 8.40 5.26 19.98
CA TYR C 175 8.64 4.27 18.91
C TYR C 175 7.65 3.16 19.11
N VAL C 176 6.78 2.93 18.07
CA VAL C 176 5.82 1.83 18.10
C VAL C 176 6.28 0.80 17.07
N GLY C 177 6.71 -0.37 17.53
CA GLY C 177 7.06 -1.47 16.62
C GLY C 177 5.85 -2.38 16.52
N GLU C 178 5.40 -2.66 15.30
CA GLU C 178 4.24 -3.56 15.09
C GLU C 178 4.76 -4.88 14.62
N GLN C 179 4.21 -5.95 15.22
CA GLN C 179 4.69 -7.31 14.92
C GLN C 179 3.55 -8.23 14.55
N ASP C 180 3.71 -8.90 13.44
CA ASP C 180 2.77 -9.99 13.01
C ASP C 180 3.35 -11.27 13.56
N PHE C 181 2.52 -12.03 14.31
CA PHE C 181 2.95 -13.36 14.78
C PHE C 181 2.07 -14.42 14.13
N TYR C 182 2.62 -15.66 14.02
CA TYR C 182 2.00 -16.74 13.29
C TYR C 182 2.02 -17.93 14.24
N VAL C 183 1.01 -18.07 15.10
CA VAL C 183 1.19 -19.11 16.18
C VAL C 183 0.33 -20.31 15.77
N PRO C 184 0.94 -21.53 15.75
CA PRO C 184 0.15 -22.69 15.31
C PRO C 184 -0.91 -23.11 16.36
N ARG C 185 -1.94 -23.74 15.84
CA ARG C 185 -3.04 -24.27 16.61
C ARG C 185 -3.15 -25.78 16.41
N ASP C 186 -3.67 -26.45 17.41
CA ASP C 186 -3.97 -27.89 17.26
C ASP C 186 -5.36 -28.08 16.69
N GLU C 187 -5.80 -29.37 16.54
CA GLU C 187 -7.09 -29.54 15.80
C GLU C 187 -8.29 -29.05 16.60
N ASN C 188 -8.09 -28.87 17.90
CA ASN C 188 -9.12 -28.23 18.71
C ASN C 188 -9.18 -26.72 18.65
N GLY C 189 -8.28 -26.09 17.89
CA GLY C 189 -8.24 -24.63 17.77
C GLY C 189 -7.46 -23.99 18.90
N LYS C 190 -6.73 -24.77 19.71
CA LYS C 190 -5.98 -24.17 20.84
C LYS C 190 -4.55 -23.87 20.35
N TYR C 191 -3.97 -22.75 20.82
CA TYR C 191 -2.60 -22.46 20.38
C TYR C 191 -1.60 -23.45 20.99
N LYS C 192 -0.65 -23.93 20.22
CA LYS C 192 0.34 -24.89 20.68
C LYS C 192 1.48 -24.28 21.45
N LYS C 193 2.10 -25.09 22.29
CA LYS C 193 3.29 -24.70 23.03
C LYS C 193 4.42 -25.62 22.71
N TYR C 194 5.63 -25.12 22.77
CA TYR C 194 6.81 -25.94 22.34
C TYR C 194 7.92 -25.79 23.36
N GLU C 195 8.78 -26.81 23.48
CA GLU C 195 9.85 -26.72 24.47
C GLU C 195 11.00 -25.83 24.05
N ALA C 196 11.40 -25.91 22.76
CA ALA C 196 12.56 -25.19 22.27
C ALA C 196 12.08 -24.45 20.99
N PRO C 197 12.77 -23.35 20.61
CA PRO C 197 12.31 -22.63 19.40
C PRO C 197 12.29 -23.53 18.19
N GLY C 198 13.33 -24.37 18.01
CA GLY C 198 13.38 -25.21 16.80
C GLY C 198 12.25 -26.19 16.66
N ASP C 199 11.64 -26.60 17.78
CA ASP C 199 10.53 -27.52 17.73
C ASP C 199 9.28 -26.93 17.04
N ALA C 200 9.19 -25.60 17.05
CA ALA C 200 8.03 -24.90 16.48
C ALA C 200 8.21 -24.60 15.00
N TYR C 201 9.39 -24.85 14.44
CA TYR C 201 9.72 -24.29 13.11
C TYR C 201 8.79 -24.79 12.04
N GLU C 202 8.59 -26.13 11.88
CA GLU C 202 7.77 -26.58 10.79
C GLU C 202 6.31 -26.13 10.88
N ASP C 203 5.72 -26.21 12.08
CA ASP C 203 4.32 -25.83 12.27
C ASP C 203 4.18 -24.31 11.98
N THR C 204 5.22 -23.57 12.35
CA THR C 204 5.11 -22.05 12.22
C THR C 204 5.21 -21.69 10.73
N VAL C 205 6.08 -22.33 9.96
CA VAL C 205 6.20 -22.00 8.53
C VAL C 205 4.87 -22.35 7.83
N LYS C 206 4.14 -23.39 8.25
CA LYS C 206 2.87 -23.72 7.66
C LYS C 206 1.86 -22.60 7.85
N VAL C 207 1.89 -21.96 9.02
CA VAL C 207 0.99 -20.86 9.24
C VAL C 207 1.48 -19.64 8.43
N MET C 208 2.79 -19.41 8.40
CA MET C 208 3.36 -18.29 7.67
C MET C 208 2.94 -18.33 6.20
N ARG C 209 2.84 -19.52 5.62
N ARG C 209 2.84 -19.53 5.63
CA ARG C 209 2.51 -19.65 4.18
CA ARG C 209 2.46 -19.70 4.21
C ARG C 209 1.03 -19.40 3.88
C ARG C 209 1.08 -19.26 3.89
N THR C 210 0.22 -19.23 4.92
CA THR C 210 -1.15 -18.75 4.72
C THR C 210 -1.21 -17.25 4.59
N LEU C 211 -0.12 -16.56 4.92
CA LEU C 211 0.01 -15.07 4.88
C LEU C 211 -0.99 -14.42 5.85
N THR C 212 -1.53 -15.17 6.81
CA THR C 212 -2.55 -14.59 7.68
C THR C 212 -2.05 -14.70 9.14
N PRO C 213 -1.67 -13.59 9.84
CA PRO C 213 -1.16 -13.64 11.18
C PRO C 213 -2.29 -14.03 12.16
N THR C 214 -1.93 -14.62 13.27
CA THR C 214 -2.85 -14.89 14.31
C THR C 214 -2.94 -13.73 15.26
N HIS C 215 -1.89 -12.92 15.29
CA HIS C 215 -1.87 -11.77 16.21
C HIS C 215 -1.08 -10.63 15.53
N VAL C 216 -1.56 -9.40 15.67
CA VAL C 216 -0.77 -8.24 15.11
C VAL C 216 -0.70 -7.28 16.30
N VAL C 217 0.49 -7.05 16.85
CA VAL C 217 0.59 -6.32 18.15
C VAL C 217 1.53 -5.21 18.12
N PHE C 218 1.39 -4.29 19.10
CA PHE C 218 2.37 -3.20 19.25
C PHE C 218 3.15 -3.54 20.53
N ASN C 219 4.46 -3.31 20.46
CA ASN C 219 5.34 -3.51 21.66
C ASN C 219 5.20 -4.89 22.19
N GLY C 220 4.99 -5.88 21.33
CA GLY C 220 5.17 -7.27 21.81
C GLY C 220 3.98 -8.01 22.36
N ALA C 221 2.83 -7.35 22.57
CA ALA C 221 1.69 -8.06 23.17
C ALA C 221 0.43 -7.29 22.97
N VAL C 222 -0.70 -8.01 22.96
CA VAL C 222 -2.00 -7.35 23.01
C VAL C 222 -2.09 -6.43 24.23
N GLY C 223 -2.51 -5.20 23.97
CA GLY C 223 -2.69 -4.21 25.06
C GLY C 223 -1.45 -3.68 25.70
N ALA C 224 -0.25 -3.94 25.15
CA ALA C 224 0.93 -3.43 25.76
C ALA C 224 1.06 -1.96 25.94
N LEU C 225 0.41 -1.18 25.07
CA LEU C 225 0.44 0.27 25.19
C LEU C 225 -0.95 0.83 25.48
N THR C 226 -1.72 0.12 26.31
CA THR C 226 -3.04 0.66 26.71
C THR C 226 -3.10 0.80 28.24
N GLY C 227 -4.12 1.47 28.74
CA GLY C 227 -4.35 1.52 30.23
C GLY C 227 -3.25 2.27 30.90
N ASP C 228 -2.63 1.67 31.94
CA ASP C 228 -1.52 2.34 32.68
C ASP C 228 -0.28 2.49 31.87
N LYS C 229 -0.25 1.84 30.71
CA LYS C 229 0.90 1.92 29.84
C LYS C 229 0.65 2.72 28.58
N ALA C 230 -0.45 3.45 28.55
CA ALA C 230 -0.67 4.45 27.50
C ALA C 230 0.47 5.39 27.38
N MET C 231 0.72 5.84 26.13
CA MET C 231 1.64 6.95 25.86
C MET C 231 0.98 8.28 26.27
N THR C 232 1.80 9.23 26.72
CA THR C 232 1.22 10.50 27.31
C THR C 232 1.67 11.67 26.55
N ALA C 233 0.81 12.70 26.54
CA ALA C 233 1.22 14.02 26.04
C ALA C 233 0.24 15.03 26.67
N ALA C 234 0.52 16.28 26.33
CA ALA C 234 -0.37 17.40 26.80
C ALA C 234 -0.79 18.16 25.58
N VAL C 235 -1.92 18.88 25.71
CA VAL C 235 -2.32 19.81 24.64
C VAL C 235 -1.23 20.84 24.42
N GLY C 236 -0.92 21.06 23.19
CA GLY C 236 0.17 21.93 22.74
C GLY C 236 1.53 21.29 22.52
N GLU C 237 1.70 20.06 23.03
CA GLU C 237 2.96 19.34 22.78
C GLU C 237 2.99 18.76 21.38
N LYS C 238 4.21 18.76 20.84
CA LYS C 238 4.54 18.23 19.49
C LYS C 238 5.19 16.86 19.67
N VAL C 239 4.53 15.84 19.08
CA VAL C 239 5.01 14.43 19.30
C VAL C 239 5.40 13.90 17.93
N LEU C 240 6.51 13.19 17.96
CA LEU C 240 6.90 12.38 16.80
C LEU C 240 6.64 10.93 17.09
N ILE C 241 5.91 10.26 16.18
CA ILE C 241 5.56 8.82 16.44
C ILE C 241 6.30 8.07 15.31
N VAL C 242 7.28 7.27 15.68
CA VAL C 242 8.05 6.40 14.69
C VAL C 242 7.36 5.04 14.74
N HIS C 243 7.08 4.48 13.56
CA HIS C 243 6.37 3.20 13.51
C HIS C 243 7.12 2.35 12.50
N SER C 244 7.32 1.08 12.87
CA SER C 244 8.02 0.16 11.90
C SER C 244 7.20 -1.10 11.75
N GLN C 245 7.42 -1.78 10.62
CA GLN C 245 6.86 -3.10 10.42
C GLN C 245 7.86 -3.76 9.47
N ALA C 246 8.55 -4.80 9.96
CA ALA C 246 9.60 -5.41 9.18
C ALA C 246 9.14 -6.39 8.11
N ASN C 247 7.88 -6.82 8.15
CA ASN C 247 7.44 -7.88 7.29
C ASN C 247 6.13 -7.65 6.61
N ARG C 248 5.25 -6.83 7.12
CA ARG C 248 3.92 -6.76 6.60
C ARG C 248 3.40 -5.32 6.63
N ASP C 249 2.53 -4.95 5.68
CA ASP C 249 2.06 -3.54 5.63
C ASP C 249 1.20 -3.18 6.80
N THR C 250 1.18 -1.91 7.07
CA THR C 250 0.29 -1.38 8.12
C THR C 250 -0.19 0.00 7.69
N ARG C 251 -1.23 0.47 8.37
CA ARG C 251 -1.89 1.73 7.97
C ARG C 251 -2.25 2.47 9.25
N PRO C 252 -1.28 3.17 9.83
CA PRO C 252 -1.57 3.77 11.17
C PRO C 252 -2.56 4.96 11.09
N HIS C 253 -3.27 5.13 12.22
CA HIS C 253 -4.24 6.22 12.27
C HIS C 253 -4.34 6.61 13.75
N LEU C 254 -4.31 7.91 14.04
CA LEU C 254 -4.61 8.41 15.40
C LEU C 254 -6.09 8.80 15.53
N ILE C 255 -6.85 8.00 16.22
CA ILE C 255 -8.30 8.19 16.30
C ILE C 255 -8.52 9.45 17.16
N GLY C 256 -9.17 10.45 16.55
CA GLY C 256 -9.35 11.80 17.14
C GLY C 256 -8.31 12.82 16.77
N GLY C 257 -7.22 12.38 16.05
CA GLY C 257 -6.19 13.33 15.59
C GLY C 257 -5.86 13.06 14.14
N HIS C 258 -4.68 13.51 13.77
CA HIS C 258 -4.19 13.48 12.37
C HIS C 258 -2.69 13.25 12.42
N GLY C 259 -2.11 13.06 11.22
CA GLY C 259 -0.66 13.21 11.12
C GLY C 259 -0.47 14.57 10.46
N ASP C 260 0.02 15.57 11.22
CA ASP C 260 0.14 16.89 10.56
C ASP C 260 1.22 16.88 9.50
N TYR C 261 2.37 16.22 9.79
CA TYR C 261 3.36 16.00 8.80
C TYR C 261 3.67 14.52 8.87
N VAL C 262 3.70 13.85 7.74
CA VAL C 262 3.96 12.35 7.80
C VAL C 262 5.03 12.07 6.73
N TRP C 263 6.14 11.52 7.20
CA TRP C 263 7.09 10.92 6.27
C TRP C 263 6.71 9.48 6.16
N ALA C 264 5.80 9.19 5.26
CA ALA C 264 5.25 7.89 5.18
C ALA C 264 6.27 6.85 4.72
N THR C 265 7.18 7.27 3.85
CA THR C 265 8.31 6.48 3.40
C THR C 265 9.43 6.42 4.43
N GLY C 266 9.33 7.25 5.45
CA GLY C 266 10.35 7.32 6.52
C GLY C 266 11.61 8.07 6.14
N LYS C 267 11.69 8.73 4.97
CA LYS C 267 12.97 9.30 4.56
C LYS C 267 12.87 10.84 4.45
N PHE C 268 13.77 11.50 5.20
CA PHE C 268 13.55 12.92 5.54
C PHE C 268 13.97 13.83 4.38
N ASN C 269 14.61 13.32 3.36
CA ASN C 269 14.86 14.09 2.10
C ASN C 269 13.64 14.01 1.18
N THR C 270 12.62 13.22 1.48
CA THR C 270 11.41 13.21 0.69
C THR C 270 10.43 14.06 1.46
N PRO C 271 9.87 15.07 0.86
CA PRO C 271 9.00 15.98 1.67
C PRO C 271 7.80 15.25 2.28
N PRO C 272 7.42 15.64 3.49
CA PRO C 272 6.28 14.97 4.17
C PRO C 272 4.95 15.23 3.55
N ASP C 273 4.06 14.22 3.61
CA ASP C 273 2.63 14.44 3.31
C ASP C 273 2.08 15.22 4.50
N VAL C 274 1.00 15.98 4.24
CA VAL C 274 0.40 16.80 5.30
C VAL C 274 -1.09 16.51 5.54
N ASP C 275 -1.52 16.71 6.79
CA ASP C 275 -2.90 16.67 7.19
C ASP C 275 -3.47 15.27 7.01
N GLN C 276 -2.64 14.27 7.27
CA GLN C 276 -3.07 12.90 6.94
C GLN C 276 -4.09 12.35 7.89
N GLU C 277 -5.02 11.53 7.38
CA GLU C 277 -5.93 10.84 8.27
C GLU C 277 -5.33 9.46 8.65
N THR C 278 -4.88 8.75 7.64
CA THR C 278 -4.34 7.42 7.80
C THR C 278 -3.18 7.35 6.82
N TRP C 279 -2.03 6.84 7.23
CA TRP C 279 -0.93 6.76 6.29
C TRP C 279 -0.54 5.30 6.18
N PHE C 280 0.37 5.05 5.24
CA PHE C 280 0.63 3.64 4.85
C PHE C 280 2.11 3.38 4.90
N ILE C 281 2.48 2.37 5.70
CA ILE C 281 3.89 1.99 5.79
C ILE C 281 3.97 0.56 5.22
N PRO C 282 4.71 0.34 4.13
CA PRO C 282 4.87 -1.01 3.55
C PRO C 282 5.71 -1.89 4.47
N GLY C 283 5.40 -3.17 4.42
CA GLY C 283 6.25 -4.13 5.15
C GLY C 283 7.73 -3.97 4.71
N GLY C 284 8.62 -3.93 5.69
CA GLY C 284 10.06 -3.68 5.42
C GLY C 284 10.42 -2.24 5.49
N ALA C 285 9.58 -1.39 6.07
CA ALA C 285 9.95 0.03 6.20
C ALA C 285 9.51 0.57 7.54
N ALA C 286 10.06 1.74 7.86
CA ALA C 286 9.58 2.55 9.00
C ALA C 286 9.10 3.88 8.49
N GLY C 287 8.17 4.46 9.20
CA GLY C 287 7.62 5.78 8.90
C GLY C 287 7.56 6.66 10.13
N ALA C 288 7.31 7.97 9.95
CA ALA C 288 7.24 8.84 11.13
C ALA C 288 6.15 9.87 10.91
N ALA C 289 5.40 10.16 11.97
CA ALA C 289 4.31 11.16 11.89
C ALA C 289 4.52 12.15 13.04
N PHE C 290 4.28 13.42 12.71
CA PHE C 290 4.47 14.52 13.70
C PHE C 290 3.11 15.12 13.88
N TYR C 291 2.76 15.29 15.16
CA TYR C 291 1.41 15.86 15.43
C TYR C 291 1.51 16.78 16.62
N THR C 292 0.75 17.93 16.53
CA THR C 292 0.59 18.76 17.74
C THR C 292 -0.79 18.52 18.36
N PHE C 293 -0.84 18.07 19.59
CA PHE C 293 -2.14 17.75 20.25
C PHE C 293 -2.95 19.03 20.55
N GLN C 294 -4.21 18.98 20.18
CA GLN C 294 -5.11 20.20 20.35
C GLN C 294 -6.18 19.98 21.31
N GLN C 295 -6.52 18.73 21.67
CA GLN C 295 -7.62 18.38 22.60
C GLN C 295 -7.18 17.34 23.58
N PRO C 296 -7.60 17.43 24.83
CA PRO C 296 -7.28 16.44 25.80
C PRO C 296 -8.15 15.22 25.65
N GLY C 297 -7.80 14.17 26.34
CA GLY C 297 -8.61 13.00 26.36
C GLY C 297 -7.84 11.74 25.98
N ILE C 298 -8.56 10.63 25.86
CA ILE C 298 -7.96 9.36 25.42
C ILE C 298 -8.05 9.29 23.86
N TYR C 299 -6.90 8.99 23.20
CA TYR C 299 -6.88 8.78 21.77
C TYR C 299 -6.47 7.32 21.60
N ALA C 300 -6.93 6.68 20.54
CA ALA C 300 -6.40 5.33 20.24
C ALA C 300 -5.58 5.56 18.98
N TYR C 301 -4.51 4.80 18.90
CA TYR C 301 -3.61 4.82 17.77
C TYR C 301 -3.62 3.36 17.26
N VAL C 302 -4.07 3.18 16.03
CA VAL C 302 -4.38 1.87 15.51
C VAL C 302 -3.84 1.64 14.12
N ASN C 303 -3.68 0.37 13.76
CA ASN C 303 -3.61 -0.06 12.36
C ASN C 303 -5.07 -0.02 11.84
N HIS C 304 -5.37 0.76 10.83
CA HIS C 304 -6.78 0.92 10.49
C HIS C 304 -7.29 -0.08 9.49
N ASN C 305 -6.71 -1.32 9.47
CA ASN C 305 -7.61 -2.43 9.21
C ASN C 305 -8.14 -2.73 10.60
N LEU C 306 -9.41 -2.39 10.84
CA LEU C 306 -9.90 -2.40 12.18
C LEU C 306 -10.10 -3.81 12.74
N ILE C 307 -10.16 -4.83 11.86
CA ILE C 307 -10.09 -6.23 12.36
C ILE C 307 -8.72 -6.46 12.98
N GLU C 308 -7.67 -6.03 12.28
CA GLU C 308 -6.33 -6.21 12.84
C GLU C 308 -6.23 -5.39 14.11
N ALA C 309 -6.77 -4.17 14.20
CA ALA C 309 -6.64 -3.39 15.41
C ALA C 309 -7.41 -3.99 16.59
N PHE C 310 -8.70 -4.28 16.40
CA PHE C 310 -9.50 -4.60 17.59
C PHE C 310 -9.78 -6.07 17.74
N GLU C 311 -9.53 -6.89 16.75
CA GLU C 311 -9.63 -8.36 16.95
C GLU C 311 -8.24 -8.98 17.18
N LEU C 312 -7.20 -8.48 16.46
CA LEU C 312 -5.92 -9.20 16.49
C LEU C 312 -4.87 -8.48 17.35
N GLY C 313 -5.12 -7.24 17.83
CA GLY C 313 -4.22 -6.66 18.88
C GLY C 313 -3.55 -5.33 18.55
N ALA C 314 -3.77 -4.78 17.33
CA ALA C 314 -2.95 -3.63 16.95
C ALA C 314 -3.64 -2.31 17.32
N ALA C 315 -3.64 -2.03 18.62
CA ALA C 315 -4.23 -0.81 19.15
C ALA C 315 -3.44 -0.36 20.38
N ALA C 316 -3.17 0.95 20.40
CA ALA C 316 -2.48 1.55 21.56
C ALA C 316 -3.33 2.75 21.96
N HIS C 317 -3.00 3.29 23.15
CA HIS C 317 -3.68 4.53 23.57
C HIS C 317 -2.72 5.63 23.83
N PHE C 318 -3.15 6.91 23.58
CA PHE C 318 -2.47 8.09 24.14
C PHE C 318 -3.42 8.71 25.16
N LYS C 319 -2.85 9.15 26.31
CA LYS C 319 -3.64 9.89 27.30
C LYS C 319 -3.12 11.31 27.28
N VAL C 320 -3.99 12.32 27.04
CA VAL C 320 -3.48 13.64 26.81
C VAL C 320 -4.21 14.58 27.77
N THR C 321 -3.43 15.41 28.44
CA THR C 321 -4.03 16.26 29.52
C THR C 321 -4.18 17.65 28.94
N GLY C 322 -5.10 18.48 29.52
CA GLY C 322 -5.20 19.87 28.98
C GLY C 322 -6.68 20.27 28.99
N GLU C 323 -6.95 21.42 28.39
CA GLU C 323 -8.30 22.03 28.42
C GLU C 323 -8.97 21.74 27.07
N TRP C 324 -10.25 21.45 27.17
CA TRP C 324 -11.08 21.19 25.97
C TRP C 324 -11.33 22.43 25.20
N ASN C 325 -11.31 22.32 23.88
CA ASN C 325 -11.47 23.46 22.99
C ASN C 325 -12.80 23.31 22.30
N ASP C 326 -13.81 24.09 22.73
CA ASP C 326 -15.15 23.94 22.10
C ASP C 326 -15.32 24.49 20.70
N ASP C 327 -14.41 25.30 20.27
CA ASP C 327 -14.38 25.78 18.90
C ASP C 327 -14.12 24.59 17.94
N LEU C 328 -13.11 23.78 18.27
CA LEU C 328 -12.85 22.62 17.41
C LEU C 328 -13.94 21.60 17.42
N MET C 329 -14.57 21.32 18.57
CA MET C 329 -15.63 20.35 18.65
C MET C 329 -16.48 20.55 19.87
N THR C 330 -17.79 20.43 19.66
CA THR C 330 -18.66 20.53 20.84
C THR C 330 -19.94 19.69 20.70
N SER C 331 -20.43 19.17 21.79
CA SER C 331 -21.71 18.44 21.77
C SER C 331 -22.82 19.50 21.97
N VAL C 332 -23.53 19.78 20.89
CA VAL C 332 -24.65 20.77 20.92
C VAL C 332 -25.85 20.17 21.62
N LEU C 333 -26.11 18.89 21.47
CA LEU C 333 -27.18 18.22 22.13
C LEU C 333 -26.64 16.84 22.45
N ALA C 334 -26.52 16.54 23.75
CA ALA C 334 -25.96 15.28 24.25
C ALA C 334 -26.99 14.21 24.02
N PRO C 335 -26.59 12.96 23.87
CA PRO C 335 -27.52 11.89 23.51
C PRO C 335 -28.76 11.82 24.37
N SER C 336 -29.91 11.95 23.73
CA SER C 336 -31.16 12.06 24.43
C SER C 336 -32.36 11.51 23.69
N GLY C 337 -33.34 11.12 24.49
CA GLY C 337 -34.58 10.59 23.99
C GLY C 337 -35.50 11.77 23.84
CU CU D . -23.13 1.50 14.25
CU CU E . -11.38 5.36 11.73
CU CU F . -5.18 -14.01 -22.63
CU CU G . -5.45 -3.35 -15.90
CU CU H . 17.98 -14.08 14.63
CU CU I . 15.09 -6.19 5.20
#